data_5HW4
#
_entry.id   5HW4
#
_cell.length_a   120.923
_cell.length_b   155.270
_cell.length_c   54.604
_cell.angle_alpha   90.00
_cell.angle_beta   93.89
_cell.angle_gamma   90.00
#
_symmetry.space_group_name_H-M   'C 1 2 1'
#
loop_
_entity.id
_entity.type
_entity.pdbx_description
1 polymer 'Ribosomal RNA small subunit methyltransferase I'
2 non-polymer S-ADENOSYLMETHIONINE
3 water water
#
_entity_poly.entity_id   1
_entity_poly.type   'polypeptide(L)'
_entity_poly.pdbx_seq_one_letter_code
;MGQLYIVPTPIGNLADITQRALEVLQAVDLIAAEDTRHTGLLLQHFGINARLFALHDHNEQQKAETLLAKLQEGQNIALV
SDAGTPLINDPGYHLVRTCREAGIRVVPLPGPCAAITALSAAGLPSDRFCYEGFLPAKSKGRRDALKAIEAEPRTLIFYE
STHRLLDSLEDIVAVLGESRYVVLARELTKTWETIHGAPVGELLAWVKEDENRRKGEMVLIVEGHKAQEEDLPADALRTL
ALLQAELP
;
_entity_poly.pdbx_strand_id   A,B,C
#
# COMPACT_ATOMS: atom_id res chain seq x y z
N MET A 1 19.72 -34.45 22.40
CA MET A 1 19.57 -33.01 22.21
C MET A 1 18.09 -32.62 22.14
N GLY A 2 17.76 -31.49 22.76
CA GLY A 2 16.39 -31.03 22.77
C GLY A 2 16.00 -30.35 21.47
N GLN A 3 14.73 -30.02 21.33
CA GLN A 3 14.23 -29.35 20.14
C GLN A 3 13.65 -27.98 20.47
N LEU A 4 13.70 -27.07 19.50
CA LEU A 4 13.08 -25.76 19.62
C LEU A 4 11.70 -25.75 18.91
N TYR A 5 10.64 -25.53 19.68
CA TYR A 5 9.28 -25.43 19.12
C TYR A 5 8.87 -23.96 18.87
N ILE A 6 8.35 -23.67 17.68
CA ILE A 6 7.83 -22.32 17.39
C ILE A 6 6.31 -22.36 17.56
N VAL A 7 5.79 -21.61 18.52
CA VAL A 7 4.41 -21.80 18.96
C VAL A 7 3.58 -20.51 18.86
N PRO A 8 2.67 -20.46 17.85
CA PRO A 8 1.72 -19.35 17.71
C PRO A 8 0.71 -19.36 18.83
N THR A 9 0.26 -18.17 19.18
CA THR A 9 -0.70 -17.97 20.24
C THR A 9 -1.87 -17.15 19.68
N PRO A 10 -2.98 -17.07 20.43
CA PRO A 10 -4.16 -16.35 19.92
C PRO A 10 -3.88 -14.89 19.51
N ILE A 11 -4.75 -14.31 18.66
CA ILE A 11 -4.66 -12.88 18.38
C ILE A 11 -5.88 -12.13 18.94
N GLY A 12 -6.40 -12.60 20.07
CA GLY A 12 -7.48 -11.91 20.74
C GLY A 12 -8.63 -12.80 21.17
N ASN A 13 -8.59 -14.07 20.75
CA ASN A 13 -9.62 -15.01 21.12
C ASN A 13 -8.96 -16.30 21.59
N LEU A 14 -9.18 -16.64 22.85
CA LEU A 14 -8.54 -17.79 23.48
C LEU A 14 -8.92 -19.15 22.84
N ALA A 15 -10.04 -19.21 22.12
CA ALA A 15 -10.45 -20.45 21.45
C ALA A 15 -9.70 -20.66 20.13
N ASP A 16 -8.86 -19.71 19.74
CA ASP A 16 -8.06 -19.86 18.53
C ASP A 16 -6.69 -20.52 18.76
N ILE A 17 -6.34 -20.85 19.99
CA ILE A 17 -5.09 -21.57 20.18
C ILE A 17 -5.29 -23.01 19.64
N THR A 18 -4.25 -23.61 19.07
CA THR A 18 -4.37 -25.02 18.64
C THR A 18 -4.17 -25.98 19.83
N GLN A 19 -4.79 -27.15 19.72
CA GLN A 19 -4.65 -28.15 20.76
C GLN A 19 -3.18 -28.56 20.91
N ARG A 20 -2.47 -28.69 19.78
CA ARG A 20 -1.07 -29.06 19.84
C ARG A 20 -0.21 -27.98 20.53
N ALA A 21 -0.53 -26.69 20.30
CA ALA A 21 0.14 -25.62 21.06
C ALA A 21 0.01 -25.83 22.57
N LEU A 22 -1.21 -26.09 23.05
CA LEU A 22 -1.42 -26.37 24.48
C LEU A 22 -0.60 -27.58 24.98
N GLU A 23 -0.56 -28.65 24.19
CA GLU A 23 0.22 -29.85 24.49
C GLU A 23 1.69 -29.51 24.67
N VAL A 24 2.23 -28.79 23.69
CA VAL A 24 3.62 -28.42 23.69
C VAL A 24 3.99 -27.47 24.83
N LEU A 25 3.14 -26.48 25.10
CA LEU A 25 3.45 -25.49 26.12
C LEU A 25 3.52 -26.15 27.52
N GLN A 26 2.74 -27.21 27.70
CA GLN A 26 2.78 -27.97 28.96
C GLN A 26 3.92 -29.02 29.02
N ALA A 27 4.54 -29.36 27.89
CA ALA A 27 5.53 -30.46 27.88
C ALA A 27 6.98 -29.98 27.88
N VAL A 28 7.24 -28.80 27.33
CA VAL A 28 8.62 -28.29 27.26
C VAL A 28 9.19 -27.91 28.62
N ASP A 29 10.52 -27.86 28.71
CA ASP A 29 11.19 -27.45 29.94
C ASP A 29 11.08 -25.95 30.16
N LEU A 30 10.97 -25.21 29.07
CA LEU A 30 11.10 -23.78 29.17
C LEU A 30 10.33 -23.10 28.06
N ILE A 31 9.66 -22.00 28.38
CA ILE A 31 9.00 -21.18 27.39
C ILE A 31 9.75 -19.85 27.26
N ALA A 32 10.28 -19.58 26.06
CA ALA A 32 11.00 -18.33 25.82
C ALA A 32 10.02 -17.35 25.21
N ALA A 33 9.81 -16.24 25.90
CA ALA A 33 8.75 -15.32 25.54
C ALA A 33 9.27 -13.92 25.28
N GLU A 34 8.65 -13.25 24.30
CA GLU A 34 8.87 -11.84 24.04
C GLU A 34 8.65 -11.02 25.30
N ASP A 35 7.54 -11.32 25.99
CA ASP A 35 7.16 -10.64 27.22
C ASP A 35 6.61 -11.68 28.21
N THR A 36 7.34 -11.97 29.29
CA THR A 36 6.96 -13.05 30.20
C THR A 36 5.67 -12.74 30.99
N ARG A 37 5.35 -11.47 31.15
CA ARG A 37 4.13 -11.11 31.87
C ARG A 37 2.89 -11.28 31.00
N HIS A 38 2.99 -10.84 29.75
CA HIS A 38 1.92 -11.08 28.79
C HIS A 38 1.69 -12.57 28.59
N THR A 39 2.75 -13.33 28.36
CA THR A 39 2.63 -14.78 28.21
C THR A 39 2.08 -15.45 29.48
N GLY A 40 2.51 -14.95 30.65
CA GLY A 40 2.02 -15.46 31.93
C GLY A 40 0.50 -15.40 32.05
N LEU A 41 -0.09 -14.33 31.52
CA LEU A 41 -1.52 -14.14 31.54
C LEU A 41 -2.26 -15.13 30.65
N LEU A 42 -1.73 -15.36 29.45
CA LEU A 42 -2.27 -16.38 28.54
C LEU A 42 -2.20 -17.77 29.19
N LEU A 43 -1.04 -18.13 29.71
CA LEU A 43 -0.89 -19.45 30.33
C LEU A 43 -1.87 -19.61 31.51
N GLN A 44 -2.10 -18.52 32.23
CA GLN A 44 -2.96 -18.53 33.39
C GLN A 44 -4.40 -18.93 33.03
N HIS A 45 -4.91 -18.41 31.91
CA HIS A 45 -6.22 -18.79 31.43
C HIS A 45 -6.32 -20.30 31.18
N PHE A 46 -5.19 -20.95 30.89
CA PHE A 46 -5.23 -22.39 30.60
C PHE A 46 -4.71 -23.26 31.73
N GLY A 47 -4.53 -22.67 32.91
CA GLY A 47 -4.11 -23.44 34.07
C GLY A 47 -2.66 -23.89 33.97
N ILE A 48 -1.90 -23.34 33.03
CA ILE A 48 -0.55 -23.88 32.79
C ILE A 48 0.51 -23.23 33.68
N ASN A 49 1.19 -24.06 34.46
CA ASN A 49 2.31 -23.67 35.30
C ASN A 49 3.63 -24.01 34.59
N ALA A 50 4.32 -22.99 34.08
CA ALA A 50 5.49 -23.22 33.24
C ALA A 50 6.70 -22.38 33.65
N ARG A 51 7.89 -22.83 33.24
CA ARG A 51 9.10 -22.02 33.40
C ARG A 51 9.26 -21.01 32.24
N LEU A 52 9.21 -19.72 32.56
CA LEU A 52 9.33 -18.66 31.54
C LEU A 52 10.74 -18.05 31.43
N PHE A 53 11.18 -17.78 30.20
CA PHE A 53 12.46 -17.16 29.92
C PHE A 53 12.26 -15.89 29.10
N ALA A 54 12.73 -14.76 29.62
CA ALA A 54 12.58 -13.48 28.91
C ALA A 54 13.63 -13.28 27.81
N LEU A 55 13.16 -12.93 26.61
CA LEU A 55 14.07 -12.67 25.51
C LEU A 55 14.56 -11.22 25.44
N HIS A 56 13.99 -10.35 26.30
CA HIS A 56 14.13 -8.88 26.22
C HIS A 56 15.03 -8.37 25.09
N GLU A 60 20.78 -9.19 21.88
CA GLU A 60 21.52 -10.26 22.54
C GLU A 60 21.58 -11.54 21.72
N GLN A 61 22.73 -11.78 21.10
CA GLN A 61 23.09 -13.14 20.70
C GLN A 61 23.53 -13.85 21.97
N GLN A 62 23.68 -13.05 23.03
CA GLN A 62 24.02 -13.53 24.36
C GLN A 62 22.96 -14.48 24.92
N LYS A 63 21.71 -14.04 24.93
CA LYS A 63 20.62 -14.91 25.39
C LYS A 63 20.34 -16.05 24.43
N ALA A 64 20.59 -15.84 23.15
CA ALA A 64 20.47 -16.91 22.18
C ALA A 64 21.50 -17.99 22.46
N GLU A 65 22.68 -17.59 22.93
CA GLU A 65 23.73 -18.54 23.30
C GLU A 65 23.34 -19.29 24.57
N THR A 66 22.71 -18.60 25.51
CA THR A 66 22.15 -19.26 26.71
C THR A 66 21.15 -20.37 26.32
N LEU A 67 20.18 -20.02 25.48
CA LEU A 67 19.16 -21.00 25.08
C LEU A 67 19.74 -22.14 24.28
N LEU A 68 20.68 -21.81 23.40
CA LEU A 68 21.37 -22.84 22.62
C LEU A 68 22.02 -23.84 23.56
N ALA A 69 22.69 -23.36 24.60
CA ALA A 69 23.32 -24.26 25.57
C ALA A 69 22.29 -25.21 26.20
N LYS A 70 21.14 -24.70 26.65
CA LYS A 70 20.11 -25.56 27.24
C LYS A 70 19.65 -26.61 26.27
N LEU A 71 19.42 -26.19 25.03
CA LEU A 71 18.96 -27.11 24.01
C LEU A 71 19.95 -28.25 23.80
N GLN A 72 21.24 -27.90 23.79
CA GLN A 72 22.30 -28.89 23.59
C GLN A 72 22.41 -29.89 24.74
N GLU A 73 22.09 -29.46 25.95
CA GLU A 73 22.11 -30.39 27.08
C GLU A 73 20.80 -31.20 27.17
N GLY A 74 19.97 -31.10 26.14
CA GLY A 74 18.76 -31.92 26.05
C GLY A 74 17.43 -31.28 26.43
N GLN A 75 17.44 -30.00 26.81
CA GLN A 75 16.18 -29.31 27.16
C GLN A 75 15.36 -28.94 25.94
N ASN A 76 14.04 -29.18 26.00
CA ASN A 76 13.14 -28.70 24.97
C ASN A 76 12.61 -27.31 25.29
N ILE A 77 12.58 -26.45 24.28
CA ILE A 77 12.19 -25.06 24.46
C ILE A 77 11.05 -24.69 23.50
N ALA A 78 10.04 -23.97 23.98
CA ALA A 78 9.05 -23.37 23.09
C ALA A 78 9.31 -21.88 22.98
N LEU A 79 9.20 -21.35 21.78
CA LEU A 79 9.29 -19.91 21.57
C LEU A 79 7.90 -19.35 21.31
N VAL A 80 7.49 -18.32 22.08
CA VAL A 80 6.24 -17.61 21.76
C VAL A 80 6.41 -16.09 21.68
N SER A 81 5.43 -15.43 21.07
CA SER A 81 5.35 -13.98 21.09
C SER A 81 4.09 -13.60 21.84
N ASP A 82 3.82 -12.31 21.99
CA ASP A 82 2.60 -11.86 22.68
C ASP A 82 1.33 -12.31 21.95
N ALA A 83 1.43 -12.48 20.65
CA ALA A 83 0.25 -12.79 19.86
C ALA A 83 0.65 -13.32 18.49
N GLY A 84 -0.14 -14.22 17.93
CA GLY A 84 0.13 -14.70 16.58
C GLY A 84 1.40 -15.50 16.47
N THR A 85 2.03 -15.42 15.30
CA THR A 85 3.14 -16.32 14.99
C THR A 85 4.50 -15.65 15.24
N PRO A 86 5.38 -16.31 16.02
CA PRO A 86 6.72 -15.71 16.26
C PRO A 86 7.50 -15.49 14.97
N LEU A 87 8.48 -14.59 15.00
CA LEU A 87 9.28 -14.20 13.81
C LEU A 87 8.54 -13.39 12.75
N ILE A 88 7.21 -13.38 12.77
CA ILE A 88 6.48 -12.52 11.86
C ILE A 88 6.26 -11.15 12.52
N ASN A 89 7.22 -10.25 12.31
CA ASN A 89 7.33 -8.99 13.06
C ASN A 89 7.22 -9.23 14.58
N ASP A 90 8.01 -10.18 15.05
CA ASP A 90 8.12 -10.53 16.45
C ASP A 90 9.50 -11.16 16.60
N PRO A 91 10.11 -11.05 17.79
CA PRO A 91 11.48 -11.55 17.93
C PRO A 91 11.60 -13.07 17.77
N GLY A 92 12.84 -13.54 17.62
CA GLY A 92 13.12 -14.97 17.57
C GLY A 92 14.03 -15.35 16.41
N TYR A 93 14.13 -14.46 15.44
CA TYR A 93 14.85 -14.67 14.18
C TYR A 93 16.29 -15.17 14.38
N HIS A 94 17.02 -14.51 15.26
CA HIS A 94 18.42 -14.83 15.48
C HIS A 94 18.58 -16.16 16.22
N LEU A 95 17.69 -16.40 17.18
CA LEU A 95 17.65 -17.65 17.92
C LEU A 95 17.45 -18.85 16.99
N VAL A 96 16.48 -18.72 16.08
CA VAL A 96 16.20 -19.81 15.14
C VAL A 96 17.42 -20.09 14.28
N ARG A 97 18.00 -19.04 13.72
CA ARG A 97 19.22 -19.10 12.91
C ARG A 97 20.35 -19.84 13.64
N THR A 98 20.69 -19.35 14.82
CA THR A 98 21.73 -19.96 15.65
C THR A 98 21.47 -21.44 15.88
N CYS A 99 20.22 -21.80 16.20
CA CYS A 99 19.90 -23.21 16.43
C CYS A 99 20.01 -24.04 15.16
N ARG A 100 19.66 -23.43 14.03
CA ARG A 100 19.67 -24.18 12.78
C ARG A 100 21.12 -24.53 12.41
N GLU A 101 22.04 -23.59 12.59
CA GLU A 101 23.43 -23.86 12.24
C GLU A 101 24.18 -24.73 13.28
N ALA A 102 23.50 -25.13 14.35
CA ALA A 102 24.14 -25.98 15.37
C ALA A 102 23.60 -27.40 15.36
N GLY A 103 22.71 -27.69 14.43
CA GLY A 103 22.16 -29.04 14.33
C GLY A 103 20.89 -29.25 15.12
N ILE A 104 20.44 -28.23 15.84
CA ILE A 104 19.18 -28.31 16.60
C ILE A 104 17.95 -28.30 15.69
N ARG A 105 17.07 -29.28 15.86
CA ARG A 105 15.83 -29.32 15.09
C ARG A 105 14.82 -28.25 15.54
N VAL A 106 14.30 -27.48 14.59
CA VAL A 106 13.28 -26.49 14.87
C VAL A 106 11.94 -27.03 14.37
N VAL A 107 10.94 -27.02 15.24
CA VAL A 107 9.64 -27.61 14.97
C VAL A 107 8.59 -26.53 15.01
N PRO A 108 8.13 -26.08 13.84
CA PRO A 108 7.08 -25.05 13.80
C PRO A 108 5.67 -25.60 13.95
N LEU A 109 4.89 -25.04 14.87
CA LEU A 109 3.49 -25.36 14.93
C LEU A 109 2.71 -24.34 14.11
N PRO A 110 1.73 -24.80 13.35
CA PRO A 110 0.91 -23.84 12.61
C PRO A 110 -0.04 -23.15 13.58
N GLY A 111 -0.51 -21.95 13.31
CA GLY A 111 -1.45 -21.30 14.19
C GLY A 111 -1.77 -19.88 13.73
N PRO A 112 -2.43 -19.09 14.60
CA PRO A 112 -2.91 -17.77 14.22
C PRO A 112 -1.82 -16.85 13.69
N CYS A 113 -2.16 -16.16 12.61
CA CYS A 113 -1.34 -15.09 12.05
C CYS A 113 -2.29 -14.02 11.53
N ALA A 114 -2.13 -12.78 12.01
CA ALA A 114 -3.12 -11.72 11.74
C ALA A 114 -3.16 -11.35 10.25
N ALA A 115 -1.99 -11.26 9.63
CA ALA A 115 -1.89 -10.94 8.20
C ALA A 115 -2.69 -11.93 7.33
N ILE A 116 -2.52 -13.22 7.61
CA ILE A 116 -3.15 -14.25 6.80
C ILE A 116 -4.63 -14.31 7.08
N THR A 117 -4.98 -14.17 8.36
CA THR A 117 -6.38 -14.18 8.75
C THR A 117 -7.13 -13.07 8.01
N ALA A 118 -6.55 -11.87 7.99
CA ALA A 118 -7.17 -10.73 7.30
C ALA A 118 -7.27 -10.96 5.80
N LEU A 119 -6.20 -11.46 5.21
CA LEU A 119 -6.15 -11.73 3.79
C LEU A 119 -7.25 -12.71 3.36
N SER A 120 -7.47 -13.76 4.15
CA SER A 120 -8.45 -14.79 3.80
C SER A 120 -9.88 -14.23 3.66
N ALA A 121 -10.19 -13.17 4.40
CA ALA A 121 -11.54 -12.58 4.36
C ALA A 121 -11.68 -11.22 3.60
N ALA A 122 -10.59 -10.75 2.98
CA ALA A 122 -10.54 -9.40 2.38
C ALA A 122 -11.14 -9.29 0.97
N GLY A 123 -11.23 -10.40 0.26
CA GLY A 123 -11.79 -10.39 -1.08
C GLY A 123 -10.89 -9.79 -2.15
N LEU A 124 -9.58 -9.85 -1.91
CA LEU A 124 -8.58 -9.38 -2.87
C LEU A 124 -7.74 -10.57 -3.36
N PRO A 125 -7.08 -10.44 -4.52
CA PRO A 125 -6.24 -11.54 -5.00
C PRO A 125 -5.19 -12.01 -3.99
N SER A 126 -5.18 -13.31 -3.68
CA SER A 126 -4.15 -13.86 -2.78
C SER A 126 -3.33 -14.95 -3.46
N ASP A 127 -3.36 -14.96 -4.79
CA ASP A 127 -2.53 -15.88 -5.58
C ASP A 127 -1.08 -15.55 -5.31
N ARG A 128 -0.81 -14.25 -5.20
CA ARG A 128 0.50 -13.74 -4.81
C ARG A 128 0.25 -12.55 -3.89
N PHE A 129 1.15 -12.32 -2.95
CA PHE A 129 1.01 -11.13 -2.12
C PHE A 129 2.32 -10.79 -1.48
N CYS A 130 2.41 -9.54 -1.01
CA CYS A 130 3.59 -9.08 -0.33
C CYS A 130 3.23 -8.74 1.09
N TYR A 131 3.97 -9.28 2.05
CA TYR A 131 3.80 -8.85 3.41
C TYR A 131 4.82 -7.74 3.66
N GLU A 132 4.36 -6.57 4.09
CA GLU A 132 5.25 -5.42 4.25
C GLU A 132 5.48 -5.02 5.71
N GLY A 133 4.67 -5.58 6.60
CA GLY A 133 4.78 -5.27 8.02
C GLY A 133 4.25 -3.90 8.39
N PHE A 134 5.01 -3.19 9.21
CA PHE A 134 4.66 -1.84 9.63
C PHE A 134 5.30 -0.81 8.71
N LEU A 135 4.49 0.13 8.21
CA LEU A 135 5.05 1.33 7.59
C LEU A 135 5.81 2.13 8.64
N PRO A 136 6.87 2.82 8.22
CA PRO A 136 7.57 3.81 9.06
C PRO A 136 6.61 4.73 9.83
N ALA A 137 7.01 5.12 11.04
CA ALA A 137 6.13 5.88 11.93
C ALA A 137 6.05 7.34 11.51
N LYS A 138 7.15 7.85 10.95
CA LYS A 138 7.23 9.23 10.48
C LYS A 138 6.73 9.38 9.06
N SER A 139 5.88 10.38 8.85
CA SER A 139 5.26 10.62 7.55
C SER A 139 6.27 10.70 6.38
N LYS A 140 7.37 11.41 6.56
CA LYS A 140 8.37 11.46 5.49
C LYS A 140 8.87 10.06 5.14
N GLY A 141 9.32 9.31 6.15
CA GLY A 141 9.73 7.94 5.94
C GLY A 141 8.62 7.09 5.31
N ARG A 142 7.40 7.27 5.79
CA ARG A 142 6.26 6.48 5.31
C ARG A 142 5.94 6.74 3.84
N ARG A 143 6.03 8.01 3.42
CA ARG A 143 5.79 8.37 2.02
C ARG A 143 6.85 7.76 1.10
N ASP A 144 8.11 7.76 1.52
CA ASP A 144 9.17 7.10 0.74
C ASP A 144 8.94 5.58 0.60
N ALA A 145 8.56 4.92 1.70
CA ALA A 145 8.26 3.48 1.64
C ALA A 145 7.09 3.21 0.71
N LEU A 146 6.10 4.09 0.72
CA LEU A 146 4.96 3.94 -0.16
C LEU A 146 5.35 4.17 -1.63
N LYS A 147 6.25 5.11 -1.87
CA LYS A 147 6.72 5.37 -3.23
C LYS A 147 7.45 4.14 -3.79
N ALA A 148 8.25 3.50 -2.94
CA ALA A 148 9.01 2.32 -3.35
C ALA A 148 8.13 1.14 -3.76
N ILE A 149 6.85 1.16 -3.37
CA ILE A 149 5.92 0.06 -3.72
C ILE A 149 4.70 0.49 -4.52
N GLU A 150 4.70 1.74 -4.99
CA GLU A 150 3.56 2.30 -5.71
C GLU A 150 3.17 1.43 -6.92
N ALA A 151 4.17 0.83 -7.56
CA ALA A 151 3.96 0.08 -8.80
C ALA A 151 3.79 -1.42 -8.60
N GLU A 152 3.92 -1.88 -7.36
CA GLU A 152 3.78 -3.30 -7.04
C GLU A 152 2.41 -3.82 -7.44
N PRO A 153 2.37 -4.84 -8.32
CA PRO A 153 1.08 -5.41 -8.75
C PRO A 153 0.47 -6.42 -7.76
N ARG A 154 1.28 -7.02 -6.89
CA ARG A 154 0.75 -7.95 -5.89
C ARG A 154 -0.05 -7.24 -4.79
N THR A 155 -1.08 -7.90 -4.27
CA THR A 155 -1.78 -7.44 -3.07
C THR A 155 -0.78 -7.20 -1.94
N LEU A 156 -0.95 -6.12 -1.20
CA LEU A 156 0.03 -5.75 -0.17
C LEU A 156 -0.61 -5.88 1.20
N ILE A 157 0.17 -6.30 2.19
CA ILE A 157 -0.34 -6.39 3.57
C ILE A 157 0.46 -5.53 4.52
N PHE A 158 -0.24 -4.69 5.27
CA PHE A 158 0.39 -3.80 6.24
C PHE A 158 -0.23 -3.96 7.60
N TYR A 159 0.63 -3.88 8.62
CA TYR A 159 0.19 -3.66 9.99
C TYR A 159 0.17 -2.15 10.25
N GLU A 160 -0.88 -1.65 10.89
CA GLU A 160 -0.87 -0.24 11.27
C GLU A 160 -1.42 -0.01 12.66
N SER A 161 -0.78 0.90 13.38
CA SER A 161 -1.21 1.30 14.72
C SER A 161 -2.41 2.26 14.73
N THR A 162 -3.19 2.14 15.78
CA THR A 162 -4.37 2.98 15.97
C THR A 162 -4.01 4.48 16.02
N HIS A 163 -2.85 4.80 16.57
CA HIS A 163 -2.44 6.19 16.73
C HIS A 163 -1.93 6.82 15.42
N ARG A 164 -1.66 6.00 14.42
CA ARG A 164 -1.13 6.51 13.17
C ARG A 164 -2.03 6.22 11.98
N LEU A 165 -3.17 5.58 12.20
CA LEU A 165 -3.99 5.12 11.09
C LEU A 165 -4.44 6.29 10.20
N LEU A 166 -4.91 7.38 10.81
CA LEU A 166 -5.40 8.50 9.99
C LEU A 166 -4.27 9.17 9.18
N ASP A 167 -3.11 9.40 9.80
CA ASP A 167 -1.95 9.90 9.08
C ASP A 167 -1.52 8.96 7.96
N SER A 168 -1.49 7.67 8.28
CA SER A 168 -1.03 6.66 7.34
C SER A 168 -1.98 6.58 6.14
N LEU A 169 -3.28 6.63 6.40
CA LEU A 169 -4.28 6.60 5.34
C LEU A 169 -4.21 7.85 4.43
N GLU A 170 -3.81 8.99 5.01
CA GLU A 170 -3.63 10.24 4.25
C GLU A 170 -2.48 10.09 3.27
N ASP A 171 -1.41 9.44 3.72
CA ASP A 171 -0.21 9.25 2.90
C ASP A 171 -0.44 8.23 1.80
N ILE A 172 -1.31 7.27 2.07
CA ILE A 172 -1.65 6.24 1.10
C ILE A 172 -2.51 6.86 -0.03
N VAL A 173 -3.54 7.62 0.34
CA VAL A 173 -4.28 8.46 -0.61
C VAL A 173 -3.32 9.27 -1.48
N ALA A 174 -2.39 9.98 -0.85
CA ALA A 174 -1.45 10.87 -1.53
C ALA A 174 -0.48 10.16 -2.46
N VAL A 175 0.07 9.03 -2.03
CA VAL A 175 1.09 8.36 -2.84
C VAL A 175 0.49 7.31 -3.76
N LEU A 176 -0.50 6.55 -3.29
CA LEU A 176 -1.11 5.49 -4.10
C LEU A 176 -2.33 5.96 -4.90
N GLY A 177 -2.91 7.08 -4.50
CA GLY A 177 -4.09 7.61 -5.17
C GLY A 177 -5.34 7.27 -4.40
N GLU A 178 -6.36 8.12 -4.54
CA GLU A 178 -7.58 8.01 -3.75
C GLU A 178 -8.51 6.89 -4.20
N SER A 179 -8.21 6.22 -5.30
CA SER A 179 -9.10 5.16 -5.77
C SER A 179 -8.56 3.75 -5.48
N ARG A 180 -7.30 3.65 -5.03
CA ARG A 180 -6.73 2.36 -4.69
C ARG A 180 -7.60 1.72 -3.63
N TYR A 181 -8.06 0.52 -3.94
CA TYR A 181 -8.92 -0.23 -3.03
C TYR A 181 -8.12 -0.75 -1.83
N VAL A 182 -8.63 -0.50 -0.62
CA VAL A 182 -7.97 -0.92 0.60
C VAL A 182 -8.99 -1.57 1.54
N VAL A 183 -8.63 -2.68 2.18
CA VAL A 183 -9.50 -3.27 3.19
C VAL A 183 -8.90 -3.06 4.58
N LEU A 184 -9.71 -2.54 5.51
CA LEU A 184 -9.31 -2.37 6.90
C LEU A 184 -9.89 -3.50 7.74
N ALA A 185 -9.00 -4.36 8.24
CA ALA A 185 -9.43 -5.48 9.09
C ALA A 185 -9.11 -5.12 10.54
N ARG A 186 -10.16 -4.88 11.32
CA ARG A 186 -9.95 -4.41 12.68
C ARG A 186 -10.39 -5.43 13.73
N GLU A 187 -9.55 -5.61 14.74
CA GLU A 187 -9.91 -6.41 15.92
C GLU A 187 -10.40 -7.81 15.53
N LEU A 188 -9.67 -8.42 14.61
CA LEU A 188 -9.98 -9.77 14.16
C LEU A 188 -10.09 -10.70 15.35
N THR A 189 -11.17 -11.50 15.34
CA THR A 189 -11.44 -12.58 16.31
C THR A 189 -11.94 -12.02 17.63
N LYS A 190 -11.97 -10.70 17.77
CA LYS A 190 -12.51 -10.05 18.97
C LYS A 190 -13.95 -9.62 18.77
N THR A 191 -14.59 -9.18 19.84
CA THR A 191 -16.01 -8.84 19.75
C THR A 191 -16.25 -7.62 18.84
N TRP A 192 -15.27 -6.73 18.72
CA TRP A 192 -15.43 -5.56 17.83
C TRP A 192 -14.97 -5.78 16.40
N GLU A 193 -14.82 -7.03 15.99
CA GLU A 193 -14.28 -7.35 14.67
C GLU A 193 -15.10 -6.69 13.54
N THR A 194 -14.39 -5.96 12.68
CA THR A 194 -14.98 -5.22 11.57
C THR A 194 -14.01 -5.21 10.41
N ILE A 195 -14.44 -5.76 9.28
CA ILE A 195 -13.65 -5.78 8.06
C ILE A 195 -14.38 -4.95 7.00
N HIS A 196 -13.83 -3.80 6.65
CA HIS A 196 -14.49 -2.85 5.77
C HIS A 196 -13.54 -2.41 4.66
N GLY A 197 -13.96 -2.56 3.40
CA GLY A 197 -13.15 -2.18 2.27
C GLY A 197 -13.79 -1.07 1.41
N ALA A 198 -12.95 -0.30 0.71
CA ALA A 198 -13.39 0.83 -0.09
C ALA A 198 -12.21 1.48 -0.78
N PRO A 199 -12.45 2.23 -1.88
CA PRO A 199 -11.41 3.14 -2.36
C PRO A 199 -10.89 3.97 -1.19
N VAL A 200 -9.58 4.18 -1.14
CA VAL A 200 -8.97 4.55 0.12
C VAL A 200 -9.43 5.94 0.60
N GLY A 201 -9.72 6.84 -0.34
CA GLY A 201 -10.26 8.13 0.04
C GLY A 201 -11.61 8.01 0.73
N GLU A 202 -12.45 7.13 0.22
CA GLU A 202 -13.72 6.81 0.89
C GLU A 202 -13.50 6.11 2.23
N LEU A 203 -12.52 5.23 2.29
CA LEU A 203 -12.19 4.53 3.54
C LEU A 203 -11.77 5.54 4.59
N LEU A 204 -10.89 6.46 4.21
CA LEU A 204 -10.43 7.51 5.12
C LEU A 204 -11.58 8.33 5.69
N ALA A 205 -12.55 8.64 4.83
CA ALA A 205 -13.71 9.43 5.24
C ALA A 205 -14.62 8.60 6.14
N TRP A 206 -14.86 7.36 5.73
CA TRP A 206 -15.64 6.41 6.52
C TRP A 206 -15.06 6.27 7.93
N VAL A 207 -13.74 6.19 8.05
CA VAL A 207 -13.12 6.03 9.35
C VAL A 207 -13.33 7.25 10.22
N LYS A 208 -13.25 8.44 9.62
CA LYS A 208 -13.36 9.71 10.36
C LYS A 208 -14.76 9.99 10.91
N GLU A 209 -15.79 9.39 10.31
CA GLU A 209 -17.15 9.51 10.81
C GLU A 209 -17.32 9.04 12.26
N ASP A 210 -16.65 7.96 12.65
CA ASP A 210 -16.76 7.39 13.98
C ASP A 210 -15.38 6.98 14.53
N GLU A 211 -15.01 7.55 15.67
CA GLU A 211 -13.67 7.33 16.22
C GLU A 211 -13.41 5.87 16.58
N ASN A 212 -14.49 5.14 16.86
CA ASN A 212 -14.39 3.71 17.17
C ASN A 212 -13.79 2.89 16.05
N ARG A 213 -13.96 3.37 14.82
CA ARG A 213 -13.55 2.62 13.63
C ARG A 213 -12.05 2.53 13.45
N ARG A 214 -11.29 3.19 14.33
CA ARG A 214 -9.84 3.08 14.29
C ARG A 214 -9.24 2.56 15.61
N LYS A 215 -10.08 2.08 16.52
CA LYS A 215 -9.62 1.61 17.83
C LYS A 215 -9.17 0.15 17.79
N GLY A 216 -8.06 -0.15 18.44
CA GLY A 216 -7.62 -1.53 18.55
C GLY A 216 -6.54 -1.88 17.55
N GLU A 217 -6.50 -3.14 17.15
CA GLU A 217 -5.45 -3.60 16.26
C GLU A 217 -6.01 -3.77 14.87
N MET A 218 -5.16 -3.53 13.86
CA MET A 218 -5.62 -3.43 12.48
C MET A 218 -4.61 -3.95 11.48
N VAL A 219 -5.15 -4.55 10.43
CA VAL A 219 -4.38 -4.90 9.26
C VAL A 219 -4.94 -4.14 8.06
N LEU A 220 -4.06 -3.74 7.15
CA LEU A 220 -4.48 -3.12 5.90
C LEU A 220 -4.23 -4.05 4.74
N ILE A 221 -5.26 -4.41 4.00
CA ILE A 221 -5.05 -5.19 2.79
C ILE A 221 -5.22 -4.25 1.59
N VAL A 222 -4.14 -4.03 0.85
CA VAL A 222 -4.13 -3.01 -0.19
C VAL A 222 -4.06 -3.65 -1.57
N GLU A 223 -5.05 -3.37 -2.40
CA GLU A 223 -5.06 -3.81 -3.79
C GLU A 223 -3.76 -3.43 -4.49
N GLY A 224 -3.20 -4.35 -5.27
CA GLY A 224 -2.00 -4.07 -6.03
C GLY A 224 -2.23 -2.99 -7.09
N HIS A 225 -1.14 -2.52 -7.69
CA HIS A 225 -1.18 -1.49 -8.72
C HIS A 225 -1.64 -2.03 -10.10
N LYS A 226 -2.69 -1.42 -10.66
CA LYS A 226 -3.08 -1.72 -12.04
C LYS A 226 -2.52 -0.68 -13.02
N ALA A 227 -2.17 -1.11 -14.23
CA ALA A 227 -1.62 -0.21 -15.24
C ALA A 227 -2.59 0.92 -15.59
N GLN A 228 -2.08 2.15 -15.64
CA GLN A 228 -2.87 3.33 -15.97
C GLN A 228 -2.21 4.13 -17.10
N GLU A 229 -3.02 4.66 -18.02
CA GLU A 229 -2.45 5.39 -19.16
C GLU A 229 -1.78 6.70 -18.74
N GLU A 230 -2.46 7.44 -17.87
CA GLU A 230 -1.93 8.70 -17.32
C GLU A 230 -0.53 8.54 -16.73
N ASP A 231 -0.16 7.32 -16.35
CA ASP A 231 1.21 7.00 -15.95
C ASP A 231 1.64 7.82 -14.73
N MET B 1 -30.02 -12.46 8.49
CA MET B 1 -28.92 -12.47 7.52
C MET B 1 -27.78 -13.40 7.98
N GLY B 2 -27.44 -14.39 7.15
CA GLY B 2 -26.43 -15.38 7.50
C GLY B 2 -25.01 -14.83 7.42
N GLN B 3 -24.04 -15.60 7.93
CA GLN B 3 -22.65 -15.18 7.88
C GLN B 3 -21.77 -16.23 7.23
N LEU B 4 -20.69 -15.80 6.60
CA LEU B 4 -19.72 -16.74 6.04
C LEU B 4 -18.49 -16.85 6.95
N TYR B 5 -18.14 -18.06 7.36
CA TYR B 5 -16.95 -18.32 8.18
C TYR B 5 -15.86 -18.96 7.36
N ILE B 6 -14.68 -18.36 7.36
CA ILE B 6 -13.50 -18.97 6.73
C ILE B 6 -12.79 -19.82 7.77
N VAL B 7 -12.69 -21.13 7.55
CA VAL B 7 -12.17 -22.05 8.56
C VAL B 7 -10.97 -22.84 8.08
N PRO B 8 -9.76 -22.46 8.51
CA PRO B 8 -8.55 -23.22 8.18
C PRO B 8 -8.58 -24.58 8.85
N THR B 9 -7.93 -25.56 8.23
CA THR B 9 -7.91 -26.91 8.74
C THR B 9 -6.45 -27.38 8.83
N PRO B 10 -6.20 -28.52 9.50
CA PRO B 10 -4.82 -29.00 9.63
C PRO B 10 -4.08 -29.19 8.31
N ILE B 11 -2.75 -29.22 8.36
CA ILE B 11 -1.96 -29.45 7.16
C ILE B 11 -1.17 -30.74 7.30
N GLY B 12 -1.77 -31.71 7.99
CA GLY B 12 -1.15 -33.01 8.17
C GLY B 12 -1.13 -33.56 9.59
N ASN B 13 -1.60 -32.77 10.56
CA ASN B 13 -1.64 -33.21 11.95
C ASN B 13 -2.94 -32.77 12.61
N LEU B 14 -3.72 -33.74 13.08
CA LEU B 14 -5.09 -33.44 13.55
C LEU B 14 -5.13 -32.71 14.88
N ALA B 15 -4.01 -32.68 15.60
CA ALA B 15 -3.91 -31.87 16.81
C ALA B 15 -3.75 -30.36 16.47
N ASP B 16 -3.53 -30.02 15.20
CA ASP B 16 -3.43 -28.61 14.80
C ASP B 16 -4.82 -28.03 14.50
N ILE B 17 -5.78 -28.41 15.30
CA ILE B 17 -7.15 -27.95 15.23
C ILE B 17 -7.33 -26.97 16.38
N THR B 18 -8.27 -26.06 16.27
CA THR B 18 -8.56 -25.13 17.36
C THR B 18 -9.95 -25.38 17.87
N GLN B 19 -10.22 -24.97 19.10
CA GLN B 19 -11.55 -25.12 19.66
C GLN B 19 -12.60 -24.30 18.91
N ARG B 20 -12.28 -23.07 18.50
CA ARG B 20 -13.26 -22.25 17.79
C ARG B 20 -13.60 -22.86 16.40
N ALA B 21 -12.60 -23.41 15.71
CA ALA B 21 -12.88 -24.15 14.48
C ALA B 21 -13.93 -25.28 14.70
N LEU B 22 -13.73 -26.11 15.72
CA LEU B 22 -14.65 -27.22 15.99
C LEU B 22 -16.05 -26.73 16.31
N GLU B 23 -16.14 -25.63 17.05
CA GLU B 23 -17.42 -25.06 17.41
C GLU B 23 -18.14 -24.42 16.19
N VAL B 24 -17.40 -23.77 15.31
CA VAL B 24 -18.01 -23.18 14.13
C VAL B 24 -18.50 -24.27 13.16
N LEU B 25 -17.64 -25.25 12.87
CA LEU B 25 -18.02 -26.33 11.97
C LEU B 25 -19.31 -27.04 12.40
N GLN B 26 -19.48 -27.21 13.70
CA GLN B 26 -20.61 -27.91 14.26
C GLN B 26 -21.86 -27.01 14.34
N ALA B 27 -21.64 -25.70 14.34
CA ALA B 27 -22.74 -24.75 14.50
C ALA B 27 -23.35 -24.29 13.17
N VAL B 28 -22.56 -24.24 12.10
CA VAL B 28 -23.11 -23.71 10.85
C VAL B 28 -24.14 -24.62 10.19
N ASP B 29 -25.04 -24.01 9.43
CA ASP B 29 -26.05 -24.76 8.69
C ASP B 29 -25.42 -25.60 7.59
N LEU B 30 -24.37 -25.10 6.97
CA LEU B 30 -23.76 -25.77 5.83
C LEU B 30 -22.23 -25.56 5.75
N ILE B 31 -21.52 -26.59 5.29
CA ILE B 31 -20.08 -26.49 5.05
C ILE B 31 -19.71 -26.67 3.59
N ALA B 32 -19.22 -25.60 2.96
CA ALA B 32 -18.75 -25.66 1.59
C ALA B 32 -17.29 -26.11 1.51
N ALA B 33 -17.06 -27.28 0.93
CA ALA B 33 -15.73 -27.85 0.92
C ALA B 33 -15.15 -27.97 -0.48
N GLU B 34 -13.82 -28.02 -0.53
CA GLU B 34 -13.08 -28.32 -1.74
C GLU B 34 -13.38 -29.76 -2.17
N ASP B 35 -13.11 -30.71 -1.28
CA ASP B 35 -13.50 -32.11 -1.45
C ASP B 35 -14.33 -32.57 -0.25
N THR B 36 -15.57 -32.94 -0.51
CA THR B 36 -16.49 -33.38 0.54
C THR B 36 -16.01 -34.61 1.30
N ARG B 37 -15.19 -35.43 0.65
CA ARG B 37 -14.73 -36.69 1.22
C ARG B 37 -13.56 -36.51 2.21
N HIS B 38 -12.61 -35.64 1.84
CA HIS B 38 -11.51 -35.30 2.76
C HIS B 38 -12.10 -34.69 4.02
N THR B 39 -13.04 -33.76 3.83
CA THR B 39 -13.68 -33.05 4.93
C THR B 39 -14.58 -33.95 5.78
N GLY B 40 -15.23 -34.91 5.14
CA GLY B 40 -16.04 -35.88 5.84
C GLY B 40 -15.21 -36.72 6.78
N LEU B 41 -14.05 -37.14 6.31
CA LEU B 41 -13.09 -37.87 7.14
C LEU B 41 -12.70 -37.05 8.37
N LEU B 42 -12.32 -35.80 8.10
CA LEU B 42 -11.99 -34.82 9.13
C LEU B 42 -13.13 -34.64 10.14
N LEU B 43 -14.34 -34.37 9.66
CA LEU B 43 -15.47 -34.15 10.54
C LEU B 43 -15.80 -35.37 11.39
N GLN B 44 -15.68 -36.55 10.79
CA GLN B 44 -15.99 -37.77 11.50
C GLN B 44 -14.98 -38.00 12.61
N HIS B 45 -13.72 -37.66 12.36
CA HIS B 45 -12.72 -37.76 13.42
C HIS B 45 -13.09 -36.93 14.64
N PHE B 46 -13.72 -35.79 14.43
CA PHE B 46 -14.07 -34.93 15.57
C PHE B 46 -15.51 -35.13 16.02
N GLY B 47 -16.19 -36.12 15.45
CA GLY B 47 -17.54 -36.46 15.86
C GLY B 47 -18.51 -35.34 15.54
N ILE B 48 -18.32 -34.73 14.39
CA ILE B 48 -19.22 -33.67 13.94
C ILE B 48 -20.01 -34.16 12.73
N ASN B 49 -21.32 -34.15 12.83
CA ASN B 49 -22.15 -34.45 11.69
C ASN B 49 -22.64 -33.14 11.09
N ALA B 50 -22.40 -32.96 9.79
CA ALA B 50 -22.75 -31.71 9.15
C ALA B 50 -23.08 -31.91 7.69
N ARG B 51 -23.91 -31.03 7.15
CA ARG B 51 -24.20 -31.05 5.73
C ARG B 51 -23.03 -30.48 4.93
N LEU B 52 -22.57 -31.25 3.96
CA LEU B 52 -21.54 -30.77 3.07
C LEU B 52 -22.13 -30.28 1.75
N PHE B 53 -21.45 -29.32 1.15
CA PHE B 53 -21.79 -28.74 -0.14
C PHE B 53 -20.50 -28.69 -0.94
N ALA B 54 -20.46 -29.36 -2.08
CA ALA B 54 -19.23 -29.43 -2.87
C ALA B 54 -18.98 -28.12 -3.59
N LEU B 55 -17.73 -27.69 -3.59
CA LEU B 55 -17.32 -26.49 -4.32
C LEU B 55 -16.43 -26.89 -5.49
N HIS B 56 -17.06 -27.15 -6.65
CA HIS B 56 -16.37 -27.67 -7.83
C HIS B 56 -15.12 -26.86 -8.19
N GLN B 62 -22.12 -18.07 -10.13
CA GLN B 62 -21.72 -19.47 -10.22
C GLN B 62 -22.36 -20.26 -9.09
N LYS B 63 -21.58 -21.12 -8.45
CA LYS B 63 -22.01 -21.78 -7.21
C LYS B 63 -22.03 -20.74 -6.10
N ALA B 64 -21.26 -19.67 -6.31
CA ALA B 64 -21.24 -18.52 -5.41
C ALA B 64 -22.63 -17.95 -5.21
N GLU B 65 -23.37 -17.82 -6.31
CA GLU B 65 -24.71 -17.24 -6.27
C GLU B 65 -25.70 -18.13 -5.52
N THR B 66 -25.49 -19.44 -5.61
CA THR B 66 -26.34 -20.37 -4.88
C THR B 66 -26.12 -20.26 -3.37
N LEU B 67 -24.86 -20.32 -2.96
CA LEU B 67 -24.49 -20.16 -1.56
C LEU B 67 -24.86 -18.78 -1.04
N LEU B 68 -24.77 -17.78 -1.91
CA LEU B 68 -25.19 -16.41 -1.57
C LEU B 68 -26.65 -16.35 -1.16
N ALA B 69 -27.51 -17.03 -1.91
CA ALA B 69 -28.95 -17.00 -1.63
C ALA B 69 -29.26 -17.62 -0.27
N LYS B 70 -28.65 -18.77 0.02
CA LYS B 70 -28.83 -19.40 1.33
C LYS B 70 -28.41 -18.48 2.48
N LEU B 71 -27.33 -17.73 2.30
CA LEU B 71 -26.87 -16.79 3.31
C LEU B 71 -27.90 -15.69 3.53
N GLN B 72 -28.46 -15.18 2.44
CA GLN B 72 -29.52 -14.17 2.51
C GLN B 72 -30.84 -14.75 3.07
N GLU B 73 -31.04 -16.06 2.89
CA GLU B 73 -32.11 -16.77 3.59
C GLU B 73 -31.81 -16.88 5.09
N GLY B 74 -30.56 -16.65 5.49
CA GLY B 74 -30.21 -16.61 6.90
C GLY B 74 -29.42 -17.83 7.36
N GLN B 75 -28.91 -18.58 6.40
CA GLN B 75 -28.10 -19.74 6.69
C GLN B 75 -26.63 -19.35 6.91
N ASN B 76 -26.01 -19.94 7.92
CA ASN B 76 -24.59 -19.71 8.17
C ASN B 76 -23.74 -20.76 7.49
N ILE B 77 -22.72 -20.31 6.77
CA ILE B 77 -21.89 -21.20 5.98
C ILE B 77 -20.43 -21.14 6.39
N ALA B 78 -19.81 -22.31 6.57
CA ALA B 78 -18.37 -22.39 6.77
C ALA B 78 -17.72 -22.87 5.48
N LEU B 79 -16.73 -22.10 5.03
CA LEU B 79 -15.87 -22.51 3.93
C LEU B 79 -14.61 -23.16 4.46
N VAL B 80 -14.35 -24.39 4.01
CA VAL B 80 -13.10 -25.06 4.32
C VAL B 80 -12.44 -25.53 3.04
N SER B 81 -11.13 -25.73 3.09
CA SER B 81 -10.41 -26.41 2.02
C SER B 81 -9.89 -27.79 2.48
N ASP B 82 -9.08 -28.44 1.63
CA ASP B 82 -8.51 -29.75 1.95
C ASP B 82 -7.55 -29.69 3.12
N ALA B 83 -6.75 -28.64 3.14
CA ALA B 83 -5.74 -28.45 4.14
C ALA B 83 -5.40 -26.98 4.24
N GLY B 84 -5.18 -26.50 5.45
CA GLY B 84 -4.74 -25.13 5.63
C GLY B 84 -5.81 -24.09 5.48
N THR B 85 -5.40 -22.90 5.05
CA THR B 85 -6.28 -21.74 4.97
C THR B 85 -6.87 -21.61 3.57
N PRO B 86 -8.20 -21.51 3.49
CA PRO B 86 -8.87 -21.29 2.19
C PRO B 86 -8.40 -19.99 1.54
N LEU B 87 -8.45 -19.96 0.21
CA LEU B 87 -8.08 -18.80 -0.61
C LEU B 87 -6.56 -18.59 -0.73
N ILE B 88 -5.77 -19.32 0.05
CA ILE B 88 -4.33 -19.31 -0.18
C ILE B 88 -3.96 -20.50 -1.06
N ASN B 89 -3.97 -20.27 -2.37
CA ASN B 89 -3.88 -21.35 -3.35
C ASN B 89 -4.89 -22.45 -3.03
N ASP B 90 -6.13 -22.01 -2.82
CA ASP B 90 -7.25 -22.89 -2.53
C ASP B 90 -8.55 -22.17 -2.87
N PRO B 91 -9.63 -22.93 -3.18
CA PRO B 91 -10.84 -22.28 -3.68
C PRO B 91 -11.52 -21.37 -2.67
N GLY B 92 -12.37 -20.48 -3.17
CA GLY B 92 -13.19 -19.64 -2.31
C GLY B 92 -13.10 -18.16 -2.66
N TYR B 93 -12.19 -17.80 -3.54
CA TYR B 93 -12.01 -16.39 -3.90
C TYR B 93 -13.26 -15.79 -4.54
N HIS B 94 -13.96 -16.57 -5.36
CA HIS B 94 -15.17 -16.06 -5.99
C HIS B 94 -16.31 -15.88 -5.00
N LEU B 95 -16.46 -16.82 -4.07
CA LEU B 95 -17.52 -16.77 -3.07
C LEU B 95 -17.39 -15.57 -2.11
N VAL B 96 -16.16 -15.26 -1.70
CA VAL B 96 -15.94 -14.17 -0.74
C VAL B 96 -16.19 -12.84 -1.41
N ARG B 97 -15.71 -12.70 -2.64
CA ARG B 97 -16.02 -11.53 -3.47
C ARG B 97 -17.52 -11.30 -3.54
N THR B 98 -18.25 -12.32 -3.96
CA THR B 98 -19.70 -12.23 -4.09
C THR B 98 -20.37 -11.82 -2.77
N CYS B 99 -19.99 -12.50 -1.69
CA CYS B 99 -20.57 -12.25 -0.38
C CYS B 99 -20.29 -10.84 0.10
N ARG B 100 -19.07 -10.36 -0.13
CA ARG B 100 -18.68 -9.07 0.40
C ARG B 100 -19.47 -7.93 -0.23
N GLU B 101 -19.57 -7.91 -1.56
CA GLU B 101 -20.32 -6.83 -2.20
C GLU B 101 -21.83 -6.94 -1.97
N ALA B 102 -22.29 -8.12 -1.59
CA ALA B 102 -23.68 -8.29 -1.19
C ALA B 102 -23.91 -7.88 0.26
N GLY B 103 -22.87 -7.40 0.94
CA GLY B 103 -22.97 -7.00 2.33
C GLY B 103 -23.06 -8.15 3.33
N ILE B 104 -22.62 -9.33 2.92
CA ILE B 104 -22.56 -10.47 3.83
C ILE B 104 -21.30 -10.35 4.71
N ARG B 105 -21.47 -10.47 6.02
CA ARG B 105 -20.31 -10.43 6.91
C ARG B 105 -19.44 -11.67 6.71
N VAL B 106 -18.14 -11.48 6.49
CA VAL B 106 -17.21 -12.61 6.39
C VAL B 106 -16.33 -12.69 7.64
N VAL B 107 -16.35 -13.84 8.30
CA VAL B 107 -15.67 -14.02 9.58
C VAL B 107 -14.52 -15.00 9.42
N PRO B 108 -13.29 -14.50 9.46
CA PRO B 108 -12.14 -15.40 9.29
C PRO B 108 -11.66 -15.98 10.63
N LEU B 109 -11.48 -17.30 10.68
CA LEU B 109 -10.83 -17.94 11.81
C LEU B 109 -9.36 -18.06 11.49
N PRO B 110 -8.50 -17.71 12.45
CA PRO B 110 -7.09 -17.99 12.20
C PRO B 110 -6.83 -19.49 12.31
N GLY B 111 -5.82 -19.97 11.59
CA GLY B 111 -5.45 -21.36 11.65
C GLY B 111 -4.28 -21.63 10.73
N PRO B 112 -3.97 -22.91 10.51
CA PRO B 112 -2.74 -23.33 9.84
C PRO B 112 -2.62 -22.83 8.42
N CYS B 113 -1.41 -22.40 8.10
CA CYS B 113 -1.05 -21.98 6.76
C CYS B 113 0.36 -22.44 6.51
N ALA B 114 0.54 -23.28 5.51
CA ALA B 114 1.83 -23.91 5.29
C ALA B 114 2.95 -22.92 5.06
N ALA B 115 2.66 -21.86 4.30
CA ALA B 115 3.66 -20.86 3.97
C ALA B 115 4.23 -20.15 5.20
N ILE B 116 3.36 -19.66 6.07
CA ILE B 116 3.76 -19.00 7.30
C ILE B 116 4.45 -20.00 8.26
N THR B 117 3.89 -21.20 8.36
CA THR B 117 4.50 -22.24 9.20
C THR B 117 5.95 -22.49 8.81
N ALA B 118 6.20 -22.61 7.51
CA ALA B 118 7.55 -22.85 7.03
C ALA B 118 8.42 -21.64 7.29
N LEU B 119 7.86 -20.45 7.11
CA LEU B 119 8.64 -19.23 7.26
C LEU B 119 9.08 -19.03 8.71
N SER B 120 8.23 -19.40 9.66
CA SER B 120 8.58 -19.25 11.06
C SER B 120 9.77 -20.13 11.49
N ALA B 121 10.04 -21.20 10.74
CA ALA B 121 11.12 -22.11 11.11
C ALA B 121 12.39 -21.94 10.26
N ALA B 122 12.35 -21.09 9.24
CA ALA B 122 13.46 -21.02 8.26
C ALA B 122 14.72 -20.30 8.74
N GLY B 123 14.57 -19.39 9.70
CA GLY B 123 15.68 -18.58 10.13
C GLY B 123 16.10 -17.55 9.09
N LEU B 124 15.17 -17.14 8.23
CA LEU B 124 15.42 -16.13 7.20
C LEU B 124 14.68 -14.84 7.53
N PRO B 125 15.12 -13.69 6.98
CA PRO B 125 14.42 -12.44 7.32
C PRO B 125 12.94 -12.49 6.97
N SER B 126 12.08 -12.16 7.93
CA SER B 126 10.65 -12.24 7.71
C SER B 126 9.96 -10.93 8.03
N ASP B 127 10.75 -9.87 8.22
CA ASP B 127 10.20 -8.54 8.41
C ASP B 127 9.36 -8.18 7.19
N ARG B 128 9.77 -8.70 6.04
CA ARG B 128 9.04 -8.61 4.79
C ARG B 128 9.21 -9.91 4.01
N PHE B 129 8.16 -10.37 3.35
CA PHE B 129 8.29 -11.47 2.42
C PHE B 129 7.27 -11.38 1.30
N CYS B 130 7.54 -12.10 0.21
CA CYS B 130 6.59 -12.27 -0.87
C CYS B 130 6.12 -13.71 -0.93
N TYR B 131 4.83 -13.90 -1.15
CA TYR B 131 4.29 -15.21 -1.42
C TYR B 131 4.00 -15.39 -2.90
N GLU B 132 4.69 -16.34 -3.54
CA GLU B 132 4.57 -16.53 -4.99
C GLU B 132 3.69 -17.71 -5.42
N GLY B 133 3.34 -18.60 -4.49
CA GLY B 133 2.59 -19.80 -4.84
C GLY B 133 3.44 -20.73 -5.68
N PHE B 134 2.82 -21.48 -6.59
CA PHE B 134 3.58 -22.42 -7.43
C PHE B 134 4.30 -21.74 -8.59
N LEU B 135 5.53 -22.16 -8.83
CA LEU B 135 6.24 -21.82 -10.06
C LEU B 135 5.54 -22.47 -11.24
N PRO B 136 5.72 -21.91 -12.45
CA PRO B 136 5.12 -22.52 -13.65
C PRO B 136 5.70 -23.90 -13.94
N ALA B 137 4.84 -24.84 -14.31
CA ALA B 137 5.27 -26.22 -14.61
C ALA B 137 6.25 -26.28 -15.78
N LYS B 138 5.98 -25.51 -16.83
CA LYS B 138 6.83 -25.45 -18.03
C LYS B 138 8.21 -24.84 -17.70
N SER B 139 9.26 -25.51 -18.15
CA SER B 139 10.63 -25.08 -17.84
C SER B 139 10.97 -23.66 -18.33
N LYS B 140 10.46 -23.28 -19.50
CA LYS B 140 10.74 -21.95 -20.03
C LYS B 140 10.01 -20.88 -19.23
N GLY B 141 8.71 -21.08 -19.05
CA GLY B 141 7.89 -20.17 -18.27
C GLY B 141 8.37 -20.03 -16.82
N ARG B 142 8.98 -21.08 -16.31
CA ARG B 142 9.47 -21.07 -14.93
C ARG B 142 10.74 -20.24 -14.81
N ARG B 143 11.61 -20.33 -15.83
CA ARG B 143 12.84 -19.54 -15.82
C ARG B 143 12.55 -18.06 -15.99
N ASP B 144 11.38 -17.75 -16.54
CA ASP B 144 10.98 -16.36 -16.79
C ASP B 144 10.40 -15.72 -15.55
N ALA B 145 9.61 -16.48 -14.81
CA ALA B 145 9.13 -16.06 -13.50
C ALA B 145 10.32 -15.83 -12.56
N LEU B 146 11.32 -16.71 -12.65
CA LEU B 146 12.51 -16.60 -11.81
C LEU B 146 13.38 -15.39 -12.17
N LYS B 147 13.47 -15.07 -13.46
CA LYS B 147 14.23 -13.89 -13.87
C LYS B 147 13.48 -12.63 -13.46
N ALA B 148 12.16 -12.69 -13.55
CA ALA B 148 11.28 -11.61 -13.11
C ALA B 148 11.50 -11.19 -11.64
N ILE B 149 11.78 -12.16 -10.77
CA ILE B 149 11.94 -11.85 -9.34
C ILE B 149 13.39 -11.95 -8.88
N GLU B 150 14.29 -12.26 -9.81
CA GLU B 150 15.71 -12.47 -9.49
C GLU B 150 16.35 -11.35 -8.68
N ALA B 151 15.80 -10.13 -8.79
CA ALA B 151 16.38 -8.98 -8.12
C ALA B 151 15.69 -8.66 -6.79
N GLU B 152 14.50 -9.23 -6.60
CA GLU B 152 13.69 -9.05 -5.39
C GLU B 152 14.49 -9.22 -4.11
N PRO B 153 14.56 -8.15 -3.28
CA PRO B 153 15.33 -8.19 -2.02
C PRO B 153 14.60 -8.91 -0.88
N ARG B 154 13.29 -9.05 -1.00
CA ARG B 154 12.48 -9.72 0.02
C ARG B 154 12.62 -11.25 -0.02
N THR B 155 12.50 -11.87 1.14
CA THR B 155 12.38 -13.32 1.23
C THR B 155 11.21 -13.81 0.39
N LEU B 156 11.42 -14.85 -0.43
CA LEU B 156 10.34 -15.37 -1.26
C LEU B 156 9.90 -16.75 -0.80
N ILE B 157 8.59 -16.97 -0.86
CA ILE B 157 8.04 -18.27 -0.51
C ILE B 157 7.40 -18.92 -1.73
N PHE B 158 7.86 -20.12 -2.08
CA PHE B 158 7.26 -20.91 -3.16
C PHE B 158 6.66 -22.23 -2.65
N TYR B 159 5.52 -22.62 -3.20
CA TYR B 159 5.03 -23.99 -3.06
C TYR B 159 5.59 -24.79 -4.22
N GLU B 160 6.11 -25.99 -3.96
CA GLU B 160 6.66 -26.78 -5.05
C GLU B 160 6.29 -28.26 -4.92
N SER B 161 6.03 -28.89 -6.08
CA SER B 161 5.67 -30.30 -6.14
C SER B 161 6.88 -31.23 -6.18
N THR B 162 6.68 -32.45 -5.68
CA THR B 162 7.76 -33.44 -5.58
C THR B 162 8.33 -33.84 -6.95
N HIS B 163 7.45 -34.00 -7.93
CA HIS B 163 7.89 -34.38 -9.26
C HIS B 163 8.71 -33.28 -9.93
N ARG B 164 8.45 -32.03 -9.54
CA ARG B 164 9.09 -30.91 -10.21
C ARG B 164 10.22 -30.27 -9.42
N LEU B 165 10.49 -30.77 -8.22
CA LEU B 165 11.47 -30.12 -7.35
C LEU B 165 12.88 -30.05 -7.95
N LEU B 166 13.35 -31.18 -8.49
CA LEU B 166 14.71 -31.25 -9.01
C LEU B 166 14.91 -30.29 -10.17
N ASP B 167 13.93 -30.23 -11.05
CA ASP B 167 13.96 -29.31 -12.18
C ASP B 167 13.84 -27.85 -11.73
N SER B 168 12.94 -27.58 -10.80
CA SER B 168 12.80 -26.24 -10.23
C SER B 168 14.11 -25.79 -9.61
N LEU B 169 14.72 -26.65 -8.81
CA LEU B 169 15.95 -26.30 -8.13
C LEU B 169 17.10 -26.04 -9.10
N GLU B 170 17.15 -26.80 -10.20
CA GLU B 170 18.26 -26.63 -11.14
C GLU B 170 18.07 -25.31 -11.90
N ASP B 171 16.83 -24.98 -12.23
CA ASP B 171 16.51 -23.68 -12.82
C ASP B 171 16.85 -22.53 -11.85
N ILE B 172 16.59 -22.74 -10.57
CA ILE B 172 16.88 -21.71 -9.56
C ILE B 172 18.38 -21.46 -9.49
N VAL B 173 19.16 -22.54 -9.44
CA VAL B 173 20.61 -22.46 -9.57
C VAL B 173 20.99 -21.70 -10.83
N ALA B 174 20.33 -22.03 -11.93
CA ALA B 174 20.61 -21.43 -13.22
C ALA B 174 20.34 -19.93 -13.19
N VAL B 175 19.15 -19.54 -12.73
CA VAL B 175 18.76 -18.13 -12.77
C VAL B 175 19.26 -17.31 -11.57
N LEU B 176 19.00 -17.77 -10.35
CA LEU B 176 19.35 -16.99 -9.16
C LEU B 176 20.80 -17.17 -8.73
N GLY B 177 21.46 -18.21 -9.23
CA GLY B 177 22.85 -18.48 -8.87
C GLY B 177 22.95 -19.50 -7.75
N GLU B 178 24.03 -20.28 -7.74
CA GLU B 178 24.07 -21.47 -6.88
C GLU B 178 24.46 -21.19 -5.42
N SER B 179 24.72 -19.94 -5.09
CA SER B 179 24.98 -19.58 -3.70
C SER B 179 23.77 -18.89 -3.03
N ARG B 180 22.64 -18.81 -3.72
CA ARG B 180 21.45 -18.24 -3.12
C ARG B 180 20.87 -19.19 -2.07
N TYR B 181 20.88 -18.75 -0.81
CA TYR B 181 20.41 -19.57 0.30
C TYR B 181 18.94 -19.95 0.18
N VAL B 182 18.65 -21.23 0.31
CA VAL B 182 17.28 -21.73 0.16
C VAL B 182 16.97 -22.70 1.29
N VAL B 183 15.76 -22.63 1.82
CA VAL B 183 15.32 -23.56 2.87
C VAL B 183 14.18 -24.40 2.35
N LEU B 184 14.37 -25.73 2.39
CA LEU B 184 13.35 -26.67 1.94
C LEU B 184 12.61 -27.22 3.15
N ALA B 185 11.31 -26.95 3.21
CA ALA B 185 10.47 -27.41 4.31
C ALA B 185 9.52 -28.45 3.81
N ARG B 186 9.70 -29.67 4.29
CA ARG B 186 9.00 -30.82 3.75
C ARG B 186 8.15 -31.50 4.81
N GLU B 187 6.90 -31.78 4.45
CA GLU B 187 5.99 -32.54 5.31
C GLU B 187 5.87 -31.94 6.70
N LEU B 188 5.65 -30.62 6.75
CA LEU B 188 5.41 -29.89 7.98
C LEU B 188 4.35 -30.58 8.82
N THR B 189 4.63 -30.71 10.11
CA THR B 189 3.71 -31.27 11.12
C THR B 189 3.41 -32.77 10.98
N LYS B 190 4.06 -33.44 10.04
CA LYS B 190 3.92 -34.89 9.90
C LYS B 190 5.14 -35.58 10.49
N THR B 191 5.06 -36.91 10.62
CA THR B 191 6.17 -37.70 11.15
C THR B 191 7.48 -37.41 10.41
N TRP B 192 7.36 -37.30 9.09
CA TRP B 192 8.48 -37.10 8.18
C TRP B 192 9.10 -35.70 8.19
N GLU B 193 8.47 -34.77 8.91
CA GLU B 193 8.86 -33.34 8.89
C GLU B 193 10.36 -33.10 8.86
N THR B 194 10.82 -32.43 7.81
CA THR B 194 12.25 -32.12 7.63
C THR B 194 12.45 -30.72 7.05
N ILE B 195 13.30 -29.94 7.71
CA ILE B 195 13.60 -28.59 7.27
C ILE B 195 15.12 -28.48 7.19
N HIS B 196 15.63 -28.22 5.99
CA HIS B 196 17.06 -28.17 5.74
C HIS B 196 17.37 -27.00 4.84
N GLY B 197 18.33 -26.19 5.24
CA GLY B 197 18.73 -25.03 4.48
C GLY B 197 20.20 -25.06 4.12
N ALA B 198 20.50 -24.59 2.91
CA ALA B 198 21.86 -24.54 2.39
C ALA B 198 21.88 -23.67 1.14
N PRO B 199 23.08 -23.23 0.72
CA PRO B 199 23.22 -22.68 -0.63
C PRO B 199 22.54 -23.61 -1.64
N VAL B 200 21.72 -23.04 -2.51
CA VAL B 200 20.83 -23.82 -3.35
C VAL B 200 21.60 -24.81 -4.23
N GLY B 201 22.87 -24.53 -4.50
CA GLY B 201 23.72 -25.48 -5.20
C GLY B 201 23.85 -26.74 -4.38
N GLU B 202 24.31 -26.58 -3.14
CA GLU B 202 24.47 -27.70 -2.22
C GLU B 202 23.14 -28.36 -1.80
N LEU B 203 22.04 -27.60 -1.85
CA LEU B 203 20.74 -28.15 -1.49
C LEU B 203 20.30 -29.13 -2.56
N LEU B 204 20.45 -28.72 -3.82
CA LEU B 204 20.16 -29.58 -4.97
C LEU B 204 21.01 -30.85 -4.91
N ALA B 205 22.26 -30.70 -4.49
CA ALA B 205 23.15 -31.85 -4.34
C ALA B 205 22.66 -32.74 -3.22
N TRP B 206 22.25 -32.12 -2.11
CA TRP B 206 21.80 -32.83 -0.94
C TRP B 206 20.50 -33.58 -1.19
N VAL B 207 19.61 -32.99 -1.98
CA VAL B 207 18.32 -33.62 -2.29
C VAL B 207 18.51 -34.87 -3.14
N LYS B 208 19.47 -34.83 -4.07
CA LYS B 208 19.66 -35.93 -5.02
C LYS B 208 20.29 -37.18 -4.38
N GLU B 209 21.04 -36.99 -3.30
CA GLU B 209 21.61 -38.11 -2.53
C GLU B 209 20.56 -39.17 -2.17
N ASP B 210 19.38 -38.72 -1.78
CA ASP B 210 18.29 -39.62 -1.36
C ASP B 210 16.96 -39.20 -1.96
N GLU B 211 16.25 -40.15 -2.54
CA GLU B 211 14.98 -39.88 -3.22
C GLU B 211 13.88 -39.41 -2.24
N ASN B 212 13.94 -39.90 -1.00
CA ASN B 212 12.89 -39.61 -0.04
C ASN B 212 12.89 -38.15 0.38
N ARG B 213 14.01 -37.48 0.14
CA ARG B 213 14.17 -36.10 0.55
C ARG B 213 13.36 -35.13 -0.30
N ARG B 214 12.59 -35.67 -1.24
CA ARG B 214 11.67 -34.86 -2.02
C ARG B 214 10.27 -35.45 -2.01
N LYS B 215 10.07 -36.47 -1.18
CA LYS B 215 8.75 -37.08 -1.01
C LYS B 215 7.81 -36.18 -0.21
N GLY B 216 6.55 -36.08 -0.62
CA GLY B 216 5.56 -35.33 0.12
C GLY B 216 5.51 -33.83 -0.17
N GLU B 217 4.70 -33.12 0.61
CA GLU B 217 4.45 -31.69 0.42
C GLU B 217 5.61 -30.80 0.85
N MET B 218 5.90 -29.81 0.02
CA MET B 218 7.07 -28.98 0.25
C MET B 218 6.81 -27.50 0.06
N VAL B 219 7.56 -26.70 0.81
CA VAL B 219 7.60 -25.25 0.67
C VAL B 219 9.06 -24.90 0.52
N LEU B 220 9.35 -23.96 -0.38
CA LEU B 220 10.69 -23.43 -0.51
C LEU B 220 10.72 -22.00 0.00
N ILE B 221 11.70 -21.71 0.86
CA ILE B 221 11.90 -20.36 1.36
C ILE B 221 13.22 -19.89 0.79
N VAL B 222 13.15 -18.87 -0.06
CA VAL B 222 14.33 -18.40 -0.77
C VAL B 222 14.76 -17.04 -0.23
N GLU B 223 16.01 -16.94 0.17
CA GLU B 223 16.54 -15.67 0.61
C GLU B 223 16.46 -14.70 -0.54
N GLY B 224 16.26 -13.42 -0.24
CA GLY B 224 16.16 -12.40 -1.27
C GLY B 224 17.53 -11.93 -1.73
N HIS B 225 17.57 -11.13 -2.79
CA HIS B 225 18.82 -10.66 -3.38
C HIS B 225 19.57 -9.71 -2.44
N LYS B 226 20.90 -9.81 -2.45
CA LYS B 226 21.79 -9.03 -1.59
C LYS B 226 21.44 -7.55 -1.41
N ALA B 227 21.20 -6.86 -2.52
CA ALA B 227 20.88 -5.43 -2.49
C ALA B 227 21.89 -4.62 -1.68
N MET C 1 -7.92 25.36 14.84
CA MET C 1 -8.30 25.27 13.41
C MET C 1 -7.13 25.65 12.51
N GLY C 2 -6.99 24.97 11.37
CA GLY C 2 -5.84 25.18 10.51
C GLY C 2 -6.01 26.41 9.61
N GLN C 3 -4.91 26.85 8.98
CA GLN C 3 -4.96 27.99 8.04
C GLN C 3 -4.67 27.55 6.61
N LEU C 4 -5.22 28.28 5.65
CA LEU C 4 -4.90 28.03 4.25
C LEU C 4 -3.87 29.03 3.72
N TYR C 5 -2.74 28.55 3.21
CA TYR C 5 -1.70 29.41 2.68
C TYR C 5 -1.77 29.40 1.17
N ILE C 6 -1.72 30.59 0.56
CA ILE C 6 -1.66 30.68 -0.90
C ILE C 6 -0.19 30.87 -1.28
N VAL C 7 0.37 29.92 -2.02
CA VAL C 7 1.85 29.93 -2.20
C VAL C 7 2.23 30.02 -3.68
N PRO C 8 2.69 31.21 -4.11
CA PRO C 8 3.22 31.36 -5.47
C PRO C 8 4.55 30.63 -5.68
N THR C 9 4.74 30.13 -6.90
CA THR C 9 5.91 29.36 -7.26
C THR C 9 6.54 30.02 -8.49
N PRO C 10 7.76 29.61 -8.87
CA PRO C 10 8.42 30.28 -10.00
C PRO C 10 7.66 30.21 -11.31
N ILE C 11 8.07 31.05 -12.28
CA ILE C 11 7.51 30.96 -13.61
C ILE C 11 8.59 30.64 -14.63
N GLY C 12 9.47 29.71 -14.24
CA GLY C 12 10.48 29.17 -15.14
C GLY C 12 11.90 29.25 -14.61
N ASN C 13 12.07 29.90 -13.48
CA ASN C 13 13.39 30.04 -12.88
C ASN C 13 13.34 29.75 -11.38
N LEU C 14 13.94 28.63 -10.99
CA LEU C 14 13.86 28.12 -9.62
C LEU C 14 14.48 29.04 -8.55
N ALA C 15 15.33 29.98 -8.95
CA ALA C 15 15.83 30.95 -7.98
C ALA C 15 14.78 32.03 -7.63
N ASP C 16 13.65 32.01 -8.33
CA ASP C 16 12.60 32.99 -8.10
C ASP C 16 11.60 32.54 -7.03
N ILE C 17 11.96 31.58 -6.20
CA ILE C 17 11.06 31.26 -5.10
C ILE C 17 11.53 32.03 -3.86
N THR C 18 10.61 32.34 -2.97
CA THR C 18 10.95 33.05 -1.76
C THR C 18 11.25 32.09 -0.62
N GLN C 19 12.07 32.56 0.30
CA GLN C 19 12.40 31.83 1.51
C GLN C 19 11.16 31.44 2.30
N ARG C 20 10.21 32.37 2.47
CA ARG C 20 9.01 32.05 3.22
C ARG C 20 8.18 30.98 2.52
N ALA C 21 8.17 31.01 1.19
CA ALA C 21 7.47 29.94 0.44
C ALA C 21 8.04 28.56 0.77
N LEU C 22 9.36 28.43 0.81
CA LEU C 22 10.00 27.13 1.10
C LEU C 22 9.73 26.71 2.54
N GLU C 23 9.73 27.69 3.45
CA GLU C 23 9.43 27.46 4.85
C GLU C 23 8.02 26.93 4.99
N VAL C 24 7.06 27.62 4.36
CA VAL C 24 5.66 27.24 4.46
C VAL C 24 5.39 25.87 3.81
N LEU C 25 5.99 25.62 2.64
CA LEU C 25 5.73 24.37 1.94
C LEU C 25 6.27 23.17 2.76
N GLN C 26 7.26 23.44 3.61
CA GLN C 26 7.83 22.41 4.49
C GLN C 26 6.99 22.17 5.75
N ALA C 27 6.28 23.19 6.21
CA ALA C 27 5.60 23.11 7.50
C ALA C 27 4.14 22.65 7.43
N VAL C 28 3.49 22.84 6.29
CA VAL C 28 2.09 22.47 6.19
C VAL C 28 1.92 20.96 6.24
N ASP C 29 0.73 20.52 6.64
CA ASP C 29 0.39 19.11 6.66
C ASP C 29 0.20 18.60 5.23
N LEU C 30 -0.26 19.51 4.36
CA LEU C 30 -0.78 19.09 3.06
C LEU C 30 -0.64 20.19 1.99
N ILE C 31 -0.25 19.79 0.80
CA ILE C 31 -0.14 20.72 -0.31
C ILE C 31 -1.12 20.36 -1.41
N ALA C 32 -2.08 21.25 -1.62
CA ALA C 32 -3.06 21.10 -2.67
C ALA C 32 -2.48 21.73 -3.93
N ALA C 33 -2.30 20.92 -4.96
CA ALA C 33 -1.60 21.29 -6.17
C ALA C 33 -2.47 21.08 -7.40
N GLU C 34 -2.31 21.95 -8.38
CA GLU C 34 -2.97 21.80 -9.68
C GLU C 34 -2.53 20.49 -10.34
N ASP C 35 -1.23 20.21 -10.30
CA ASP C 35 -0.67 18.99 -10.86
C ASP C 35 0.35 18.44 -9.86
N THR C 36 0.01 17.35 -9.18
CA THR C 36 0.90 16.78 -8.17
C THR C 36 2.25 16.36 -8.75
N ARG C 37 2.26 15.94 -10.02
CA ARG C 37 3.50 15.57 -10.70
C ARG C 37 4.47 16.74 -10.84
N HIS C 38 3.99 17.81 -11.47
CA HIS C 38 4.81 19.02 -11.64
C HIS C 38 5.29 19.57 -10.29
N THR C 39 4.40 19.65 -9.32
CA THR C 39 4.78 20.14 -8.00
C THR C 39 5.82 19.24 -7.35
N GLY C 40 5.68 17.93 -7.54
CA GLY C 40 6.61 16.95 -6.98
C GLY C 40 8.04 17.16 -7.45
N LEU C 41 8.20 17.50 -8.72
CA LEU C 41 9.51 17.82 -9.26
C LEU C 41 10.06 19.10 -8.65
N LEU C 42 9.18 20.07 -8.41
CA LEU C 42 9.60 21.31 -7.78
C LEU C 42 10.06 21.04 -6.34
N LEU C 43 9.26 20.27 -5.61
CA LEU C 43 9.62 19.95 -4.23
C LEU C 43 10.87 19.07 -4.18
N GLN C 44 11.05 18.19 -5.16
CA GLN C 44 12.24 17.32 -5.18
C GLN C 44 13.50 18.15 -5.32
N HIS C 45 13.48 19.13 -6.23
CA HIS C 45 14.63 20.02 -6.41
C HIS C 45 15.05 20.73 -5.13
N PHE C 46 14.10 21.00 -4.25
CA PHE C 46 14.41 21.71 -3.00
C PHE C 46 14.56 20.75 -1.81
N GLY C 47 14.43 19.46 -2.08
CA GLY C 47 14.60 18.45 -1.04
C GLY C 47 13.48 18.49 -0.03
N ILE C 48 12.28 18.80 -0.50
CA ILE C 48 11.13 18.81 0.39
C ILE C 48 10.30 17.55 0.17
N ASN C 49 10.04 16.82 1.26
CA ASN C 49 9.18 15.66 1.24
C ASN C 49 7.85 16.07 1.83
N ALA C 50 6.80 16.03 1.02
CA ALA C 50 5.51 16.53 1.47
C ALA C 50 4.38 15.67 1.00
N ARG C 51 3.28 15.71 1.73
CA ARG C 51 2.04 15.11 1.29
C ARG C 51 1.34 16.01 0.27
N LEU C 52 0.99 15.44 -0.89
CA LEU C 52 0.37 16.19 -1.98
C LEU C 52 -1.07 15.76 -2.22
N PHE C 53 -1.91 16.72 -2.62
CA PHE C 53 -3.34 16.49 -2.84
C PHE C 53 -3.76 17.09 -4.19
N ALA C 54 -4.23 16.25 -5.11
CA ALA C 54 -4.60 16.72 -6.44
C ALA C 54 -5.95 17.44 -6.39
N LEU C 55 -6.00 18.58 -7.05
CA LEU C 55 -7.25 19.34 -7.15
C LEU C 55 -8.19 18.81 -8.24
N HIS C 56 -7.61 18.22 -9.29
CA HIS C 56 -8.34 17.61 -10.40
C HIS C 56 -9.52 18.44 -10.88
N GLN C 61 -14.90 21.94 -8.33
CA GLN C 61 -15.27 20.78 -7.53
C GLN C 61 -15.40 21.15 -6.07
N GLN C 62 -15.96 20.25 -5.28
CA GLN C 62 -15.86 20.38 -3.83
C GLN C 62 -15.09 19.20 -3.25
N LYS C 63 -13.89 18.99 -3.80
CA LYS C 63 -12.80 18.44 -3.02
C LYS C 63 -12.48 19.57 -2.03
N ALA C 64 -12.98 20.76 -2.34
CA ALA C 64 -12.93 21.93 -1.46
C ALA C 64 -13.57 21.62 -0.10
N GLU C 65 -14.68 20.87 -0.08
CA GLU C 65 -15.31 20.49 1.17
C GLU C 65 -14.44 19.48 1.95
N THR C 66 -13.79 18.57 1.22
CA THR C 66 -12.82 17.68 1.82
C THR C 66 -11.69 18.48 2.48
N LEU C 67 -11.14 19.46 1.77
CA LEU C 67 -10.05 20.26 2.32
C LEU C 67 -10.52 21.16 3.46
N LEU C 68 -11.75 21.64 3.37
CA LEU C 68 -12.30 22.44 4.46
C LEU C 68 -12.46 21.59 5.72
N ALA C 69 -12.88 20.35 5.53
CA ALA C 69 -12.98 19.40 6.62
C ALA C 69 -11.60 19.17 7.24
N LYS C 70 -10.54 19.09 6.45
CA LYS C 70 -9.20 18.94 7.03
C LYS C 70 -8.76 20.19 7.80
N LEU C 71 -9.01 21.37 7.23
CA LEU C 71 -8.67 22.64 7.89
C LEU C 71 -9.38 22.80 9.23
N GLN C 72 -10.64 22.39 9.26
CA GLN C 72 -11.42 22.52 10.48
C GLN C 72 -10.94 21.58 11.57
N GLU C 73 -10.39 20.44 11.19
CA GLU C 73 -9.83 19.51 12.18
C GLU C 73 -8.41 19.91 12.58
N GLY C 74 -7.90 21.00 12.01
CA GLY C 74 -6.65 21.58 12.43
C GLY C 74 -5.45 21.45 11.51
N GLN C 75 -5.64 20.84 10.36
CA GLN C 75 -4.56 20.71 9.40
C GLN C 75 -4.27 22.04 8.69
N ASN C 76 -2.98 22.32 8.49
CA ASN C 76 -2.54 23.44 7.68
C ASN C 76 -2.35 22.98 6.25
N ILE C 77 -2.83 23.78 5.31
CA ILE C 77 -2.81 23.42 3.89
C ILE C 77 -2.21 24.55 3.05
N ALA C 78 -1.33 24.20 2.12
CA ALA C 78 -0.84 25.17 1.14
C ALA C 78 -1.47 24.92 -0.22
N LEU C 79 -1.92 25.98 -0.86
CA LEU C 79 -2.36 25.91 -2.24
C LEU C 79 -1.27 26.39 -3.21
N VAL C 80 -0.91 25.55 -4.16
CA VAL C 80 0.03 25.96 -5.19
C VAL C 80 -0.57 25.66 -6.56
N SER C 81 -0.05 26.35 -7.59
CA SER C 81 -0.32 26.01 -8.98
C SER C 81 0.96 25.54 -9.65
N ASP C 82 0.87 25.19 -10.93
CA ASP C 82 2.04 24.78 -11.72
C ASP C 82 3.11 25.87 -11.80
N ALA C 83 2.67 27.12 -11.85
CA ALA C 83 3.58 28.25 -12.00
C ALA C 83 2.91 29.55 -11.56
N GLY C 84 3.67 30.41 -10.89
CA GLY C 84 3.16 31.71 -10.50
C GLY C 84 2.18 31.70 -9.35
N THR C 85 1.23 32.64 -9.41
CA THR C 85 0.31 32.88 -8.32
C THR C 85 -1.02 32.16 -8.56
N PRO C 86 -1.44 31.32 -7.61
CA PRO C 86 -2.76 30.68 -7.63
C PRO C 86 -3.92 31.67 -7.71
N LEU C 87 -5.00 31.26 -8.38
CA LEU C 87 -6.21 32.06 -8.64
C LEU C 87 -6.03 33.10 -9.73
N ILE C 88 -4.80 33.33 -10.17
CA ILE C 88 -4.59 34.18 -11.33
C ILE C 88 -4.51 33.30 -12.55
N ASN C 89 -5.68 33.02 -13.13
CA ASN C 89 -5.82 32.03 -14.19
C ASN C 89 -5.21 30.69 -13.80
N ASP C 90 -5.54 30.26 -12.59
CA ASP C 90 -5.10 28.99 -12.07
C ASP C 90 -6.14 28.56 -11.06
N PRO C 91 -6.24 27.25 -10.78
CA PRO C 91 -7.30 26.76 -9.87
C PRO C 91 -7.20 27.31 -8.45
N GLY C 92 -8.25 27.10 -7.67
CA GLY C 92 -8.24 27.43 -6.26
C GLY C 92 -9.33 28.38 -5.82
N TYR C 93 -10.07 28.93 -6.78
CA TYR C 93 -11.07 29.96 -6.48
C TYR C 93 -12.20 29.43 -5.60
N HIS C 94 -12.73 28.27 -5.96
CA HIS C 94 -13.77 27.63 -5.15
C HIS C 94 -13.28 27.28 -3.75
N LEU C 95 -12.04 26.79 -3.62
CA LEU C 95 -11.46 26.51 -2.31
C LEU C 95 -11.37 27.74 -1.40
N VAL C 96 -10.78 28.83 -1.89
CA VAL C 96 -10.62 30.03 -1.08
C VAL C 96 -12.00 30.56 -0.67
N ARG C 97 -12.95 30.51 -1.58
CA ARG C 97 -14.28 31.02 -1.28
C ARG C 97 -14.96 30.17 -0.20
N THR C 98 -14.88 28.86 -0.36
CA THR C 98 -15.42 27.92 0.65
C THR C 98 -14.79 28.16 2.02
N CYS C 99 -13.47 28.32 2.08
CA CYS C 99 -12.79 28.56 3.35
C CYS C 99 -13.15 29.89 4.00
N ARG C 100 -13.17 30.96 3.20
CA ARG C 100 -13.51 32.29 3.71
C ARG C 100 -14.95 32.28 4.29
N GLU C 101 -15.85 31.63 3.58
CA GLU C 101 -17.24 31.49 4.03
C GLU C 101 -17.34 30.71 5.35
N ALA C 102 -16.39 29.81 5.61
CA ALA C 102 -16.39 29.00 6.85
C ALA C 102 -15.63 29.64 8.00
N GLY C 103 -14.99 30.78 7.76
CA GLY C 103 -14.19 31.41 8.81
C GLY C 103 -12.74 30.96 8.87
N ILE C 104 -12.28 30.24 7.85
CA ILE C 104 -10.88 29.82 7.87
C ILE C 104 -9.98 30.99 7.45
N ARG C 105 -8.92 31.24 8.20
CA ARG C 105 -7.99 32.29 7.85
C ARG C 105 -7.19 31.94 6.59
N VAL C 106 -7.10 32.87 5.65
CA VAL C 106 -6.37 32.61 4.41
C VAL C 106 -5.15 33.52 4.39
N VAL C 107 -4.00 32.92 4.15
CA VAL C 107 -2.72 33.61 4.32
C VAL C 107 -2.01 33.63 2.97
N PRO C 108 -2.02 34.80 2.29
CA PRO C 108 -1.40 34.92 0.99
C PRO C 108 0.08 35.24 1.10
N LEU C 109 0.92 34.43 0.45
CA LEU C 109 2.33 34.77 0.37
C LEU C 109 2.54 35.49 -0.94
N PRO C 110 3.36 36.53 -0.93
CA PRO C 110 3.66 37.20 -2.21
C PRO C 110 4.66 36.38 -3.01
N GLY C 111 4.62 36.53 -4.34
CA GLY C 111 5.54 35.81 -5.17
C GLY C 111 5.28 36.05 -6.63
N PRO C 112 5.91 35.26 -7.50
CA PRO C 112 5.89 35.48 -8.95
C PRO C 112 4.48 35.45 -9.57
N CYS C 113 4.27 36.42 -10.44
CA CYS C 113 3.07 36.54 -11.28
C CYS C 113 3.48 37.08 -12.63
N ALA C 114 3.22 36.35 -13.71
CA ALA C 114 3.75 36.73 -15.02
C ALA C 114 3.20 38.06 -15.54
N ALA C 115 1.93 38.35 -15.26
CA ALA C 115 1.31 39.61 -15.68
C ALA C 115 2.05 40.82 -15.11
N ILE C 116 2.33 40.80 -13.81
CA ILE C 116 2.98 41.93 -13.18
C ILE C 116 4.48 42.00 -13.58
N THR C 117 5.10 40.84 -13.73
CA THR C 117 6.51 40.79 -14.13
C THR C 117 6.67 41.41 -15.53
N ALA C 118 5.81 41.02 -16.45
CA ALA C 118 5.79 41.59 -17.81
C ALA C 118 5.58 43.10 -17.79
N LEU C 119 4.57 43.52 -17.04
CA LEU C 119 4.19 44.92 -16.96
C LEU C 119 5.33 45.78 -16.45
N SER C 120 6.06 45.29 -15.44
CA SER C 120 7.11 46.11 -14.82
C SER C 120 8.24 46.43 -15.82
N ALA C 121 8.37 45.62 -16.87
CA ALA C 121 9.44 45.84 -17.85
C ALA C 121 8.96 46.37 -19.20
N ALA C 122 7.66 46.62 -19.36
CA ALA C 122 7.12 46.90 -20.70
C ALA C 122 7.30 48.35 -21.16
N GLY C 123 7.42 49.26 -20.20
CA GLY C 123 7.54 50.66 -20.51
C GLY C 123 6.22 51.37 -20.83
N LEU C 124 5.10 50.76 -20.46
CA LEU C 124 3.77 51.36 -20.68
C LEU C 124 3.20 51.83 -19.34
N PRO C 125 2.24 52.78 -19.36
CA PRO C 125 1.67 53.27 -18.10
C PRO C 125 1.16 52.11 -17.22
N SER C 126 1.47 52.19 -15.95
CA SER C 126 1.18 51.10 -15.04
C SER C 126 0.59 51.64 -13.73
N ASP C 127 0.18 52.90 -13.77
CA ASP C 127 -0.62 53.52 -12.71
C ASP C 127 -2.03 52.88 -12.62
N ARG C 128 -2.58 52.50 -13.77
CA ARG C 128 -3.83 51.74 -13.83
C ARG C 128 -3.73 50.75 -14.97
N PHE C 129 -4.24 49.55 -14.77
CA PHE C 129 -4.26 48.60 -15.85
C PHE C 129 -5.39 47.60 -15.66
N CYS C 130 -5.66 46.86 -16.72
CA CYS C 130 -6.72 45.88 -16.80
C CYS C 130 -6.08 44.56 -17.08
N TYR C 131 -6.30 43.60 -16.20
CA TYR C 131 -5.86 42.24 -16.51
C TYR C 131 -7.02 41.51 -17.15
N GLU C 132 -6.80 40.99 -18.36
CA GLU C 132 -7.85 40.37 -19.16
C GLU C 132 -7.69 38.86 -19.29
N GLY C 133 -6.54 38.33 -18.89
CA GLY C 133 -6.29 36.91 -19.00
C GLY C 133 -6.16 36.44 -20.44
N PHE C 134 -6.73 35.29 -20.76
CA PHE C 134 -6.67 34.77 -22.13
C PHE C 134 -7.83 35.33 -22.95
N LEU C 135 -7.56 35.75 -24.18
CA LEU C 135 -8.65 36.07 -25.13
C LEU C 135 -9.31 34.77 -25.60
N PRO C 136 -10.60 34.84 -25.98
CA PRO C 136 -11.31 33.66 -26.52
C PRO C 136 -10.50 32.99 -27.62
N ALA C 137 -10.52 31.65 -27.64
CA ALA C 137 -9.72 30.88 -28.60
C ALA C 137 -10.19 31.00 -30.06
N LYS C 138 -11.46 31.32 -30.26
CA LYS C 138 -12.00 31.45 -31.61
C LYS C 138 -12.10 32.90 -32.06
N SER C 139 -11.77 33.13 -33.34
CA SER C 139 -11.60 34.48 -33.87
C SER C 139 -12.80 35.38 -33.69
N LYS C 140 -14.00 34.84 -33.93
CA LYS C 140 -15.21 35.63 -33.77
C LYS C 140 -15.40 36.06 -32.33
N GLY C 141 -15.27 35.12 -31.41
CA GLY C 141 -15.31 35.45 -29.99
C GLY C 141 -14.21 36.39 -29.56
N ARG C 142 -13.00 36.20 -30.09
CA ARG C 142 -11.88 37.10 -29.78
C ARG C 142 -12.15 38.53 -30.27
N ARG C 143 -12.71 38.65 -31.47
CA ARG C 143 -12.99 39.99 -32.00
C ARG C 143 -14.09 40.69 -31.21
N ASP C 144 -15.06 39.95 -30.69
CA ASP C 144 -16.08 40.54 -29.83
C ASP C 144 -15.50 41.02 -28.50
N ALA C 145 -14.66 40.19 -27.87
CA ALA C 145 -13.99 40.60 -26.64
C ALA C 145 -13.17 41.88 -26.87
N LEU C 146 -12.45 41.94 -27.99
CA LEU C 146 -11.61 43.10 -28.30
C LEU C 146 -12.46 44.35 -28.54
N LYS C 147 -13.60 44.21 -29.21
CA LYS C 147 -14.46 45.38 -29.46
C LYS C 147 -14.98 45.93 -28.14
N ALA C 148 -15.28 45.06 -27.19
CA ALA C 148 -15.69 45.46 -25.85
C ALA C 148 -14.65 46.33 -25.11
N ILE C 149 -13.36 46.16 -25.43
CA ILE C 149 -12.34 46.94 -24.72
C ILE C 149 -11.64 47.97 -25.61
N GLU C 150 -12.09 48.08 -26.85
CA GLU C 150 -11.45 48.95 -27.83
C GLU C 150 -11.26 50.40 -27.34
N ALA C 151 -12.19 50.89 -26.51
CA ALA C 151 -12.19 52.25 -26.01
C ALA C 151 -11.49 52.41 -24.67
N GLU C 152 -11.19 51.27 -24.03
CA GLU C 152 -10.54 51.23 -22.73
C GLU C 152 -9.25 52.06 -22.69
N PRO C 153 -9.19 53.07 -21.81
CA PRO C 153 -8.00 53.93 -21.72
C PRO C 153 -6.84 53.32 -20.92
N ARG C 154 -7.13 52.33 -20.08
CA ARG C 154 -6.05 51.70 -19.33
C ARG C 154 -5.21 50.71 -20.15
N THR C 155 -3.97 50.54 -19.74
CA THR C 155 -3.14 49.44 -20.23
C THR C 155 -3.80 48.09 -19.98
N LEU C 156 -3.69 47.20 -20.95
CA LEU C 156 -4.36 45.89 -20.94
C LEU C 156 -3.33 44.78 -20.89
N ILE C 157 -3.61 43.77 -20.10
CA ILE C 157 -2.73 42.61 -20.04
C ILE C 157 -3.48 41.35 -20.50
N PHE C 158 -2.89 40.67 -21.48
CA PHE C 158 -3.41 39.42 -22.03
C PHE C 158 -2.38 38.33 -21.91
N TYR C 159 -2.83 37.12 -21.62
CA TYR C 159 -1.99 35.94 -21.82
C TYR C 159 -2.35 35.40 -23.21
N GLU C 160 -1.37 34.83 -23.90
CA GLU C 160 -1.63 34.22 -25.19
C GLU C 160 -0.71 33.02 -25.45
N SER C 161 -1.19 32.03 -26.20
CA SER C 161 -0.35 30.87 -26.45
C SER C 161 0.31 30.92 -27.82
N THR C 162 1.40 30.18 -27.92
CA THR C 162 2.12 29.96 -29.17
C THR C 162 1.22 29.66 -30.38
N HIS C 163 0.29 28.73 -30.19
CA HIS C 163 -0.49 28.25 -31.32
C HIS C 163 -1.56 29.24 -31.77
N ARG C 164 -1.89 30.23 -30.94
CA ARG C 164 -2.88 31.22 -31.33
C ARG C 164 -2.36 32.66 -31.44
N LEU C 165 -1.07 32.87 -31.20
CA LEU C 165 -0.52 34.23 -31.15
C LEU C 165 -0.72 34.99 -32.47
N LEU C 166 -0.40 34.38 -33.60
CA LEU C 166 -0.48 35.10 -34.87
C LEU C 166 -1.91 35.51 -35.17
N ASP C 167 -2.87 34.62 -34.89
CA ASP C 167 -4.29 34.92 -35.08
C ASP C 167 -4.76 36.03 -34.16
N SER C 168 -4.39 35.95 -32.87
CA SER C 168 -4.77 37.02 -31.94
C SER C 168 -4.27 38.36 -32.41
N LEU C 169 -2.99 38.42 -32.81
CA LEU C 169 -2.40 39.67 -33.27
C LEU C 169 -3.11 40.20 -34.53
N GLU C 170 -3.48 39.29 -35.44
CA GLU C 170 -4.33 39.68 -36.60
C GLU C 170 -5.63 40.32 -36.13
N ASP C 171 -6.27 39.77 -35.10
CA ASP C 171 -7.53 40.36 -34.64
C ASP C 171 -7.27 41.66 -33.86
N ILE C 172 -6.16 41.75 -33.13
CA ILE C 172 -5.81 42.99 -32.44
C ILE C 172 -5.52 44.11 -33.46
N VAL C 173 -4.78 43.83 -34.53
CA VAL C 173 -4.65 44.80 -35.61
C VAL C 173 -6.02 45.24 -36.13
N ALA C 174 -6.86 44.28 -36.51
CA ALA C 174 -8.14 44.62 -37.11
C ALA C 174 -9.03 45.47 -36.20
N VAL C 175 -9.11 45.15 -34.91
CA VAL C 175 -10.09 45.81 -34.04
C VAL C 175 -9.47 47.01 -33.31
N LEU C 176 -8.21 46.90 -32.90
CA LEU C 176 -7.58 47.99 -32.15
C LEU C 176 -6.87 48.97 -33.09
N GLY C 177 -6.52 48.52 -34.29
CA GLY C 177 -5.81 49.35 -35.25
C GLY C 177 -4.34 49.00 -35.33
N GLU C 178 -3.75 49.14 -36.52
CA GLU C 178 -2.37 48.76 -36.78
C GLU C 178 -1.35 49.56 -35.97
N SER C 179 -1.75 50.72 -35.44
CA SER C 179 -0.77 51.54 -34.74
C SER C 179 -0.85 51.42 -33.20
N ARG C 180 -1.78 50.63 -32.67
CA ARG C 180 -1.81 50.41 -31.22
C ARG C 180 -0.50 49.76 -30.77
N TYR C 181 0.19 50.41 -29.82
CA TYR C 181 1.47 49.89 -29.30
C TYR C 181 1.26 48.67 -28.41
N VAL C 182 2.03 47.61 -28.67
CA VAL C 182 1.89 46.35 -27.94
C VAL C 182 3.27 45.83 -27.60
N VAL C 183 3.42 45.35 -26.37
CA VAL C 183 4.66 44.69 -25.97
C VAL C 183 4.47 43.20 -25.80
N LEU C 184 5.29 42.44 -26.50
CA LEU C 184 5.31 40.99 -26.36
C LEU C 184 6.38 40.58 -25.37
N ALA C 185 5.97 40.02 -24.23
CA ALA C 185 6.92 39.57 -23.23
C ALA C 185 6.93 38.06 -23.23
N ARG C 186 8.07 37.50 -23.63
CA ARG C 186 8.13 36.10 -23.94
C ARG C 186 9.18 35.40 -23.09
N GLU C 187 8.81 34.26 -22.54
CA GLU C 187 9.74 33.42 -21.77
C GLU C 187 10.42 34.14 -20.61
N LEU C 188 9.67 34.93 -19.86
CA LEU C 188 10.24 35.67 -18.73
C LEU C 188 10.99 34.75 -17.76
N THR C 189 12.16 35.21 -17.30
CA THR C 189 12.97 34.56 -16.27
C THR C 189 13.71 33.32 -16.78
N LYS C 190 13.52 32.99 -18.06
CA LYS C 190 14.21 31.86 -18.68
C LYS C 190 15.30 32.32 -19.65
N THR C 191 16.07 31.37 -20.18
CA THR C 191 17.19 31.67 -21.08
C THR C 191 16.84 32.58 -22.24
N TRP C 192 15.77 32.24 -22.96
CA TRP C 192 15.43 33.02 -24.15
C TRP C 192 14.41 34.12 -23.88
N GLU C 193 14.37 34.60 -22.65
CA GLU C 193 13.62 35.79 -22.28
C GLU C 193 13.80 36.90 -23.31
N THR C 194 12.70 37.38 -23.87
CA THR C 194 12.70 38.47 -24.86
C THR C 194 11.52 39.38 -24.64
N ILE C 195 11.76 40.68 -24.54
CA ILE C 195 10.68 41.64 -24.43
C ILE C 195 10.80 42.66 -25.57
N HIS C 196 9.81 42.68 -26.45
CA HIS C 196 9.90 43.47 -27.67
C HIS C 196 8.60 44.22 -27.91
N GLY C 197 8.68 45.55 -28.04
CA GLY C 197 7.51 46.37 -28.28
C GLY C 197 7.51 46.99 -29.67
N ALA C 198 6.32 47.15 -30.25
CA ALA C 198 6.13 47.82 -31.54
C ALA C 198 4.65 48.20 -31.74
N PRO C 199 4.37 49.17 -32.63
CA PRO C 199 3.01 49.22 -33.22
C PRO C 199 2.61 47.83 -33.66
N VAL C 200 1.39 47.41 -33.36
CA VAL C 200 1.07 46.00 -33.41
C VAL C 200 1.16 45.46 -34.83
N GLY C 201 0.91 46.29 -35.84
CA GLY C 201 1.10 45.87 -37.21
C GLY C 201 2.55 45.46 -37.52
N GLU C 202 3.50 46.24 -37.03
CA GLU C 202 4.93 45.92 -37.13
C GLU C 202 5.32 44.71 -36.28
N LEU C 203 4.76 44.63 -35.08
CA LEU C 203 5.02 43.48 -34.22
C LEU C 203 4.60 42.19 -34.90
N LEU C 204 3.41 42.22 -35.49
CA LEU C 204 2.92 41.04 -36.21
C LEU C 204 3.95 40.57 -37.25
N ALA C 205 4.46 41.53 -38.01
CA ALA C 205 5.36 41.23 -39.11
C ALA C 205 6.70 40.76 -38.55
N TRP C 206 7.12 41.39 -37.47
CA TRP C 206 8.36 41.03 -36.79
C TRP C 206 8.32 39.60 -36.27
N VAL C 207 7.20 39.19 -35.70
CA VAL C 207 7.06 37.82 -35.20
C VAL C 207 7.14 36.80 -36.34
N LYS C 208 6.58 37.14 -37.50
CA LYS C 208 6.57 36.23 -38.64
C LYS C 208 7.96 36.01 -39.26
N GLU C 209 8.88 36.95 -39.08
CA GLU C 209 10.25 36.81 -39.58
C GLU C 209 10.98 35.57 -39.03
N ASP C 210 10.58 35.12 -37.84
CA ASP C 210 11.30 34.04 -37.16
C ASP C 210 10.39 33.28 -36.21
N GLU C 211 10.18 32.00 -36.52
CA GLU C 211 9.31 31.10 -35.75
C GLU C 211 9.59 31.08 -34.26
N ASN C 212 10.83 31.32 -33.87
CA ASN C 212 11.23 31.31 -32.46
C ASN C 212 10.58 32.43 -31.64
N ARG C 213 10.17 33.48 -32.32
CA ARG C 213 9.65 34.67 -31.64
C ARG C 213 8.24 34.48 -31.06
N ARG C 214 7.62 33.34 -31.32
CA ARG C 214 6.32 33.06 -30.71
C ARG C 214 6.38 31.78 -29.91
N LYS C 215 7.60 31.28 -29.68
CA LYS C 215 7.76 30.03 -28.93
C LYS C 215 7.77 30.21 -27.41
N GLY C 216 7.20 29.25 -26.70
CA GLY C 216 7.21 29.26 -25.25
C GLY C 216 6.02 30.05 -24.69
N GLU C 217 6.21 30.68 -23.55
CA GLU C 217 5.11 31.34 -22.88
C GLU C 217 5.18 32.87 -23.05
N MET C 218 4.02 33.50 -23.14
CA MET C 218 3.95 34.89 -23.59
C MET C 218 2.89 35.72 -22.89
N VAL C 219 3.29 36.96 -22.59
CA VAL C 219 2.35 37.98 -22.11
C VAL C 219 2.29 39.10 -23.15
N LEU C 220 1.11 39.66 -23.38
CA LEU C 220 0.95 40.87 -24.20
C LEU C 220 0.54 42.04 -23.33
N ILE C 221 1.32 43.11 -23.38
CA ILE C 221 0.95 44.36 -22.74
C ILE C 221 0.56 45.32 -23.86
N VAL C 222 -0.68 45.81 -23.82
CA VAL C 222 -1.26 46.60 -24.90
C VAL C 222 -1.60 48.00 -24.38
N GLU C 223 -1.14 49.05 -25.05
CA GLU C 223 -1.37 50.39 -24.50
C GLU C 223 -2.87 50.69 -24.63
N GLY C 224 -3.42 51.45 -23.69
CA GLY C 224 -4.83 51.79 -23.73
C GLY C 224 -5.16 52.70 -24.89
N HIS C 225 -6.45 52.95 -25.07
CA HIS C 225 -6.97 53.85 -26.09
C HIS C 225 -6.58 55.32 -25.84
N LYS C 226 -5.98 55.96 -26.85
CA LYS C 226 -5.64 57.39 -26.82
C LYS C 226 -4.67 57.75 -25.71
#